data_6N2C
#
_entry.id   6N2C
#
_cell.length_a   76.160
_cell.length_b   90.430
_cell.length_c   158.449
_cell.angle_alpha   90.00
_cell.angle_beta   90.00
_cell.angle_gamma   90.00
#
_symmetry.space_group_name_H-M   'P 21 21 21'
#
loop_
_entity.id
_entity.type
_entity.pdbx_description
1 polymer Tapirin
2 non-polymer 'ZINC ION'
3 non-polymer 1,2-ETHANEDIOL
4 non-polymer GLYCEROL
5 non-polymer 'CHLORIDE ION'
6 non-polymer 'GLYCOLIC ACID'
7 non-polymer 'OXALATE ION'
8 water water
#
_entity_poly.entity_id   1
_entity_poly.type   'polypeptide(L)'
_entity_poly.pdbx_seq_one_letter_code
;MLTSLIHSKETINKTQTSTAADSAMEYILFYISKAIAQAKRLTYAQFFDSTGRLIYTGDSFENDYLNTFNSYIADFFENR
GNRIGIDMKLADNSSVQVSNVSELILLARQSCEYISNISFSRSGNSYILEVEALDSTTKTKRVERCVFTIPSPFEKVEIV
SNSSSPDTLLPYLLAWDSNIFDFTTYGLFSSDKIIFNNNITVTTRNMYSSSDITLRSDNNRPGDYTIKADNIIVKNGSFI
FGGNNKVVVNNLMYTKNGITFNGNNNRLESNSLLFSDGTISLSGKDEIVANALFCDTLDIRNGSSNLVTINEFAYFNKLN
IWTDKMVLKSNSKLFGGDIEIRNDGILSADVGTVVYANNLDIIGSSATIDAPDTVLYCNNLKIDGEVKLNVKKIVCSGTI
TISNLNSGTNIRVSDKIECRSIPQNIPSGIRNLFVQNPNVNFQIPYPTIPAIIEEIKKNTFPTNWIRLDNIVEDKKDING
ANYYSLVSTGQNSNDINEIFNKNKPNNPHSNVQIFVITKSGINVPPDQNHLDGVLIANGSLQFNGGNLNIEYVRMPQPLI
DYLLSKNIIKIENVQPPVISNPTVTFLPRDVNLFIIARHFVVK
;
_entity_poly.pdbx_strand_id   A,B
#
# COMPACT_ATOMS: atom_id res chain seq x y z
N LEU A 170 27.87 12.29 23.50
CA LEU A 170 27.89 11.01 22.74
C LEU A 170 26.63 10.74 21.87
N PRO A 171 25.39 11.02 22.39
CA PRO A 171 24.17 11.12 21.48
C PRO A 171 24.28 12.18 20.39
N TYR A 172 25.11 13.21 20.64
CA TYR A 172 25.34 14.24 19.63
C TYR A 172 26.09 13.61 18.48
N LEU A 173 26.96 12.64 18.79
CA LEU A 173 27.79 12.01 17.75
C LEU A 173 27.25 10.74 17.05
N LEU A 174 25.97 10.46 17.29
CA LEU A 174 25.34 9.30 16.69
C LEU A 174 25.49 9.41 15.19
N ALA A 175 26.04 8.36 14.62
CA ALA A 175 26.18 8.23 13.14
C ALA A 175 27.08 9.28 12.53
N TRP A 176 27.94 9.91 13.33
CA TRP A 176 28.91 10.82 12.75
C TRP A 176 29.85 10.10 11.82
N ASP A 177 30.01 10.56 10.58
CA ASP A 177 30.89 9.83 9.64
C ASP A 177 31.58 10.94 8.80
N SER A 178 32.84 11.24 9.08
N SER A 178 32.85 11.19 9.09
CA SER A 178 33.51 12.32 8.35
CA SER A 178 33.64 12.21 8.40
C SER A 178 33.66 12.07 6.86
C SER A 178 33.63 12.06 6.90
N ASN A 179 33.60 10.82 6.41
CA ASN A 179 33.55 10.53 4.97
C ASN A 179 32.31 11.10 4.25
N ILE A 180 31.26 11.43 4.96
CA ILE A 180 30.11 12.13 4.35
C ILE A 180 30.55 13.39 3.57
N PHE A 181 31.62 14.04 4.08
CA PHE A 181 32.09 15.31 3.50
C PHE A 181 33.21 15.10 2.53
N ASP A 182 33.58 13.86 2.27
CA ASP A 182 34.60 13.51 1.30
C ASP A 182 33.99 12.88 0.06
N PHE A 183 33.92 13.69 -1.01
CA PHE A 183 33.26 13.18 -2.22
C PHE A 183 34.05 12.20 -3.04
N THR A 184 35.24 11.78 -2.57
CA THR A 184 35.88 10.66 -3.19
C THR A 184 35.36 9.28 -2.63
N THR A 185 34.41 9.34 -1.71
CA THR A 185 33.78 8.14 -1.11
C THR A 185 32.36 7.88 -1.60
N TYR A 186 31.98 8.57 -2.67
CA TYR A 186 30.62 8.46 -3.23
C TYR A 186 30.59 7.72 -4.52
N GLY A 187 29.71 6.72 -4.63
CA GLY A 187 29.59 5.98 -5.84
C GLY A 187 28.60 6.57 -6.83
N LEU A 188 27.56 7.21 -6.29
CA LEU A 188 26.49 7.86 -7.11
C LEU A 188 26.17 9.20 -6.44
N PHE A 189 26.15 10.26 -7.28
CA PHE A 189 25.78 11.60 -6.78
C PHE A 189 24.97 12.28 -7.85
N SER A 190 23.85 12.90 -7.44
CA SER A 190 23.16 13.77 -8.38
C SER A 190 22.70 15.03 -7.68
N SER A 191 22.86 16.20 -8.33
CA SER A 191 22.21 17.39 -7.85
C SER A 191 20.79 17.51 -8.25
N ASP A 192 20.25 16.50 -8.92
CA ASP A 192 18.78 16.43 -9.10
C ASP A 192 18.28 15.08 -8.68
N LYS A 193 17.73 14.26 -9.54
N LYS A 193 17.79 14.24 -9.58
CA LYS A 193 17.19 12.96 -9.16
CA LYS A 193 17.15 12.97 -9.25
C LYS A 193 18.09 11.80 -9.43
C LYS A 193 18.01 11.74 -9.54
N ILE A 194 17.83 10.69 -8.75
CA ILE A 194 18.40 9.41 -9.12
C ILE A 194 17.26 8.46 -9.43
N ILE A 195 17.14 8.11 -10.71
CA ILE A 195 16.07 7.26 -11.20
C ILE A 195 16.56 5.94 -11.60
N PHE A 196 16.30 4.92 -10.78
CA PHE A 196 16.76 3.59 -11.03
C PHE A 196 15.76 2.90 -12.02
N ASN A 197 15.97 1.65 -12.27
CA ASN A 197 15.13 0.88 -13.19
C ASN A 197 15.05 -0.46 -12.59
N ASN A 198 14.31 -1.35 -13.22
CA ASN A 198 14.04 -2.63 -12.58
C ASN A 198 15.30 -3.49 -12.48
N ASN A 199 15.37 -4.27 -11.40
CA ASN A 199 16.45 -5.23 -11.15
C ASN A 199 17.88 -4.62 -11.21
N ILE A 200 18.05 -3.46 -10.55
CA ILE A 200 19.38 -2.88 -10.38
C ILE A 200 19.85 -3.28 -9.02
N THR A 201 21.11 -3.71 -8.91
CA THR A 201 21.77 -3.98 -7.65
C THR A 201 22.92 -3.00 -7.51
N VAL A 202 22.90 -2.23 -6.44
CA VAL A 202 23.92 -1.17 -6.18
C VAL A 202 24.68 -1.60 -4.93
N THR A 203 26.04 -1.62 -5.00
CA THR A 203 26.94 -1.75 -3.88
C THR A 203 27.76 -0.47 -3.85
N THR A 204 27.63 0.29 -2.77
CA THR A 204 28.30 1.58 -2.68
C THR A 204 28.80 1.89 -1.34
N ARG A 205 29.58 2.97 -1.24
CA ARG A 205 29.92 3.52 0.04
C ARG A 205 28.89 4.58 0.31
N ASN A 206 29.08 5.79 -0.22
CA ASN A 206 28.07 6.87 -0.04
C ASN A 206 27.30 7.21 -1.26
N MET A 207 26.03 7.70 -1.09
CA MET A 207 25.21 8.07 -2.22
C MET A 207 24.43 9.32 -1.83
N TYR A 208 24.45 10.31 -2.71
CA TYR A 208 23.75 11.54 -2.49
C TYR A 208 22.84 11.85 -3.66
N SER A 209 21.64 12.37 -3.34
CA SER A 209 20.80 12.98 -4.36
C SER A 209 20.18 14.19 -3.78
N SER A 210 19.88 15.21 -4.61
CA SER A 210 19.22 16.36 -4.09
C SER A 210 17.68 16.08 -4.13
N SER A 211 17.16 15.69 -5.29
CA SER A 211 15.77 15.36 -5.40
C SER A 211 15.60 13.87 -5.24
N ASP A 212 14.44 13.33 -5.58
CA ASP A 212 14.08 11.99 -5.15
C ASP A 212 15.02 10.90 -5.68
N ILE A 213 15.21 9.88 -4.90
CA ILE A 213 15.79 8.64 -5.39
C ILE A 213 14.63 7.66 -5.56
N THR A 214 14.42 7.16 -6.77
CA THR A 214 13.31 6.25 -7.05
C THR A 214 13.79 4.86 -7.46
N LEU A 215 13.38 3.83 -6.71
CA LEU A 215 13.54 2.48 -7.10
C LEU A 215 12.29 1.97 -7.87
N ARG A 216 12.54 0.99 -8.71
CA ARG A 216 11.46 0.24 -9.43
C ARG A 216 11.39 -1.11 -8.82
N SER A 217 10.32 -1.83 -9.09
CA SER A 217 10.14 -3.14 -8.55
C SER A 217 11.20 -4.15 -9.04
N ASP A 218 11.60 -5.02 -8.14
CA ASP A 218 12.50 -6.10 -8.41
C ASP A 218 11.69 -7.39 -8.63
N ASN A 219 11.66 -7.82 -9.86
CA ASN A 219 10.87 -8.97 -10.29
C ASN A 219 11.76 -10.09 -10.75
N ASN A 220 13.06 -9.82 -10.89
CA ASN A 220 14.06 -10.75 -11.40
C ASN A 220 15.48 -10.23 -11.00
N ARG A 221 15.69 -10.00 -9.69
CA ARG A 221 16.94 -9.41 -9.19
C ARG A 221 17.72 -10.58 -8.55
N PRO A 222 18.90 -10.92 -9.14
CA PRO A 222 19.69 -12.06 -8.61
C PRO A 222 20.33 -11.77 -7.23
N GLY A 223 20.75 -10.51 -6.97
CA GLY A 223 21.30 -10.06 -5.66
C GLY A 223 20.49 -10.37 -4.39
N ASP A 224 21.22 -10.61 -3.30
CA ASP A 224 20.73 -10.46 -1.93
C ASP A 224 20.05 -9.06 -1.67
N TYR A 225 20.56 -7.99 -2.26
CA TYR A 225 20.05 -6.67 -1.89
C TYR A 225 19.92 -5.93 -3.15
N THR A 226 19.07 -4.93 -3.10
CA THR A 226 18.96 -3.93 -4.11
C THR A 226 20.05 -2.85 -3.93
N ILE A 227 20.13 -2.28 -2.73
CA ILE A 227 21.19 -1.27 -2.46
C ILE A 227 21.81 -1.66 -1.14
N LYS A 228 23.16 -1.69 -1.13
CA LYS A 228 23.93 -1.77 0.06
C LYS A 228 24.85 -0.50 0.09
N ALA A 229 24.77 0.24 1.16
CA ALA A 229 25.50 1.53 1.27
C ALA A 229 25.94 1.78 2.67
N ASP A 230 26.97 2.61 2.88
CA ASP A 230 27.25 3.15 4.17
C ASP A 230 26.29 4.26 4.55
N ASN A 231 26.03 5.16 3.61
CA ASN A 231 25.19 6.33 3.86
C ASN A 231 24.41 6.65 2.61
N ILE A 232 23.12 7.05 2.79
CA ILE A 232 22.30 7.56 1.72
C ILE A 232 21.67 8.83 2.15
N ILE A 233 21.86 9.91 1.34
CA ILE A 233 21.38 11.22 1.70
C ILE A 233 20.57 11.78 0.56
N VAL A 234 19.35 12.13 0.87
CA VAL A 234 18.41 12.76 -0.12
C VAL A 234 18.10 14.10 0.45
N LYS A 235 18.85 15.08 0.03
CA LYS A 235 18.88 16.34 0.76
C LYS A 235 17.54 17.16 0.60
N ASN A 236 16.94 17.14 -0.58
N ASN A 236 16.90 17.13 -0.55
CA ASN A 236 15.74 17.92 -0.88
CA ASN A 236 15.72 17.96 -0.80
C ASN A 236 14.65 17.03 -1.52
C ASN A 236 14.58 17.09 -1.41
N GLY A 237 14.57 15.78 -1.11
CA GLY A 237 13.65 14.86 -1.73
C GLY A 237 13.30 13.68 -0.88
N SER A 238 12.67 12.69 -1.51
N SER A 238 12.62 12.70 -1.48
CA SER A 238 12.23 11.47 -0.81
CA SER A 238 12.27 11.46 -0.76
C SER A 238 12.95 10.26 -1.35
C SER A 238 13.07 10.30 -1.27
N PHE A 239 12.89 9.17 -0.60
CA PHE A 239 13.37 7.88 -1.08
C PHE A 239 12.13 7.03 -1.36
N ILE A 240 12.00 6.53 -2.57
CA ILE A 240 10.76 5.86 -3.00
C ILE A 240 11.11 4.43 -3.34
N PHE A 241 10.47 3.47 -2.63
CA PHE A 241 10.64 2.05 -2.95
C PHE A 241 9.64 1.65 -4.06
N GLY A 242 9.96 0.61 -4.82
CA GLY A 242 9.10 0.13 -5.92
C GLY A 242 8.45 -1.21 -5.76
N GLY A 243 9.00 -2.02 -4.88
CA GLY A 243 8.51 -3.37 -4.58
C GLY A 243 9.55 -4.45 -4.59
N ASN A 244 9.53 -5.28 -3.54
CA ASN A 244 10.50 -6.34 -3.40
C ASN A 244 11.99 -5.83 -3.40
N ASN A 245 12.17 -4.59 -2.96
CA ASN A 245 13.52 -3.96 -2.90
C ASN A 245 14.04 -4.20 -1.52
N LYS A 246 15.35 -4.51 -1.42
N LYS A 246 15.34 -4.53 -1.45
CA LYS A 246 15.99 -4.77 -0.12
CA LYS A 246 16.02 -4.70 -0.18
C LYS A 246 17.19 -3.81 0.04
C LYS A 246 17.11 -3.65 -0.08
N VAL A 247 17.09 -2.89 0.98
CA VAL A 247 18.06 -1.74 1.12
C VAL A 247 18.72 -1.91 2.47
N VAL A 248 20.06 -1.79 2.52
CA VAL A 248 20.80 -1.94 3.74
C VAL A 248 21.73 -0.69 3.82
N VAL A 249 21.54 0.11 4.86
CA VAL A 249 22.31 1.36 5.08
C VAL A 249 22.98 1.21 6.44
N ASN A 250 24.29 1.03 6.42
N ASN A 250 24.30 1.05 6.44
CA ASN A 250 25.02 0.74 7.70
CA ASN A 250 25.00 0.70 7.69
C ASN A 250 24.98 1.91 8.66
C ASN A 250 25.17 1.87 8.66
N ASN A 251 25.22 3.11 8.15
CA ASN A 251 25.35 4.29 9.05
C ASN A 251 24.08 5.15 9.01
N LEU A 252 23.98 6.13 8.15
N LEU A 252 24.02 6.11 8.09
CA LEU A 252 22.75 6.89 8.18
CA LEU A 252 22.93 7.12 8.03
C LEU A 252 22.09 7.01 6.81
C LEU A 252 22.12 6.99 6.74
N MET A 253 20.76 6.95 6.88
CA MET A 253 19.91 7.30 5.75
C MET A 253 19.12 8.48 6.18
N TYR A 254 19.26 9.58 5.41
CA TYR A 254 18.54 10.81 5.64
C TYR A 254 17.70 11.17 4.42
N THR A 255 16.44 11.62 4.60
CA THR A 255 15.67 12.24 3.51
C THR A 255 14.95 13.43 4.06
N LYS A 256 14.81 14.47 3.23
CA LYS A 256 13.99 15.59 3.68
C LYS A 256 12.47 15.26 3.63
N ASN A 257 12.04 14.74 2.53
CA ASN A 257 10.61 14.69 2.22
C ASN A 257 9.91 13.34 2.39
N GLY A 258 10.56 12.41 3.05
CA GLY A 258 9.93 11.18 3.35
C GLY A 258 10.57 9.93 2.78
N ILE A 259 10.01 8.80 3.22
CA ILE A 259 10.41 7.50 2.66
C ILE A 259 9.11 6.75 2.37
N THR A 260 8.89 6.45 1.09
CA THR A 260 7.57 5.95 0.65
C THR A 260 7.75 4.55 0.09
N PHE A 261 7.12 3.58 0.74
CA PHE A 261 7.13 2.19 0.34
C PHE A 261 5.98 2.00 -0.63
N ASN A 262 6.24 1.30 -1.71
CA ASN A 262 5.23 0.86 -2.69
C ASN A 262 5.54 -0.55 -3.08
N GLY A 263 4.49 -1.32 -3.44
CA GLY A 263 4.67 -2.54 -4.18
C GLY A 263 4.82 -3.79 -3.30
N ASN A 264 4.90 -3.56 -1.99
CA ASN A 264 5.06 -4.53 -1.01
C ASN A 264 6.41 -5.27 -1.06
N ASN A 265 6.63 -6.07 -0.03
CA ASN A 265 7.76 -6.97 0.09
C ASN A 265 9.16 -6.23 0.14
N ASN A 266 9.17 -4.99 0.59
CA ASN A 266 10.43 -4.24 0.67
C ASN A 266 11.01 -4.45 2.04
N ARG A 267 12.34 -4.18 2.16
CA ARG A 267 13.01 -4.27 3.44
C ARG A 267 14.03 -3.12 3.50
N LEU A 268 14.02 -2.44 4.61
CA LEU A 268 15.01 -1.37 4.91
C LEU A 268 15.66 -1.73 6.20
N GLU A 269 16.98 -1.93 6.16
CA GLU A 269 17.78 -2.21 7.31
C GLU A 269 18.71 -0.99 7.55
N SER A 270 18.54 -0.34 8.69
CA SER A 270 19.30 0.87 9.10
C SER A 270 20.02 0.53 10.40
N ASN A 271 21.33 0.41 10.33
CA ASN A 271 22.13 -0.06 11.49
C ASN A 271 22.66 1.05 12.38
N SER A 272 22.37 2.28 12.12
CA SER A 272 22.64 3.32 13.15
C SER A 272 21.60 4.38 13.19
N LEU A 273 21.35 5.08 12.10
CA LEU A 273 20.43 6.24 12.15
C LEU A 273 19.58 6.27 10.89
N LEU A 274 18.24 6.43 11.07
CA LEU A 274 17.30 6.65 9.94
C LEU A 274 16.60 7.89 10.29
N PHE A 275 16.69 8.92 9.44
CA PHE A 275 16.17 10.23 9.77
C PHE A 275 15.44 10.78 8.59
N SER A 276 14.18 11.21 8.78
CA SER A 276 13.48 11.92 7.73
C SER A 276 12.77 13.11 8.32
N ASP A 277 12.76 14.23 7.63
CA ASP A 277 11.91 15.31 8.01
C ASP A 277 10.46 15.11 7.57
N GLY A 278 10.16 14.02 6.88
CA GLY A 278 8.81 13.76 6.30
C GLY A 278 8.19 12.49 6.84
N THR A 279 7.37 11.90 6.02
CA THR A 279 6.59 10.73 6.39
C THR A 279 7.25 9.48 5.87
N ILE A 280 7.33 8.46 6.71
CA ILE A 280 7.76 7.15 6.39
C ILE A 280 6.53 6.31 6.32
N SER A 281 6.21 5.83 5.15
CA SER A 281 4.90 5.16 4.91
C SER A 281 5.02 3.78 4.34
N LEU A 282 4.51 2.74 5.09
CA LEU A 282 4.61 1.36 4.65
C LEU A 282 3.41 0.97 3.71
N SER A 283 3.62 0.01 2.86
CA SER A 283 2.64 -0.44 1.85
C SER A 283 1.95 -1.76 2.12
N GLY A 284 2.55 -2.61 2.94
CA GLY A 284 2.18 -3.99 3.18
C GLY A 284 3.28 -4.97 2.91
N LYS A 285 3.46 -5.96 3.80
CA LYS A 285 4.53 -6.92 3.72
C LYS A 285 5.91 -6.16 3.60
N ASP A 286 5.99 -5.01 4.27
CA ASP A 286 7.23 -4.21 4.25
C ASP A 286 7.86 -4.29 5.65
N GLU A 287 9.21 -4.28 5.68
CA GLU A 287 9.92 -4.35 6.94
C GLU A 287 10.93 -3.25 7.07
N ILE A 288 11.00 -2.64 8.24
CA ILE A 288 12.07 -1.68 8.60
C ILE A 288 12.73 -2.29 9.81
N VAL A 289 14.04 -2.45 9.79
CA VAL A 289 14.76 -2.77 11.03
C VAL A 289 15.68 -1.56 11.36
N ALA A 290 15.41 -0.83 12.42
CA ALA A 290 16.16 0.35 12.74
C ALA A 290 16.75 0.32 14.13
N ASN A 291 17.77 1.16 14.29
N ASN A 291 17.78 1.13 14.33
CA ASN A 291 18.39 1.46 15.55
CA ASN A 291 18.31 1.40 15.66
C ASN A 291 17.74 2.67 16.11
C ASN A 291 17.70 2.70 16.14
N ALA A 292 18.20 3.89 15.72
CA ALA A 292 17.53 5.14 16.02
C ALA A 292 16.77 5.58 14.77
N LEU A 293 15.55 6.05 14.99
CA LEU A 293 14.68 6.51 13.91
C LEU A 293 14.06 7.83 14.34
N PHE A 294 14.21 8.85 13.49
CA PHE A 294 13.55 10.08 13.67
C PHE A 294 12.68 10.35 12.43
N CYS A 295 11.43 10.84 12.59
CA CYS A 295 10.65 11.20 11.43
C CYS A 295 9.55 12.14 11.82
N ASP A 296 8.89 12.79 10.87
CA ASP A 296 7.71 13.54 11.26
C ASP A 296 6.56 12.56 11.62
N THR A 297 6.25 11.71 10.68
CA THR A 297 5.14 10.82 10.78
C THR A 297 5.64 9.45 10.38
N LEU A 298 5.33 8.43 11.19
CA LEU A 298 5.54 7.03 10.82
C LEU A 298 4.17 6.31 10.64
N ASP A 299 3.88 5.92 9.40
CA ASP A 299 2.57 5.31 8.99
C ASP A 299 2.72 3.82 8.78
N ILE A 300 2.14 3.04 9.67
CA ILE A 300 2.04 1.63 9.51
C ILE A 300 0.53 1.31 9.34
N ARG A 301 0.03 1.65 8.18
CA ARG A 301 -1.44 1.62 7.99
C ARG A 301 -1.89 0.75 6.81
N ASN A 302 -1.16 0.79 5.73
CA ASN A 302 -1.51 0.05 4.52
C ASN A 302 -1.17 -1.41 4.58
N GLY A 303 -2.09 -2.22 3.99
CA GLY A 303 -1.77 -3.65 3.89
C GLY A 303 -1.78 -4.41 5.18
N SER A 304 -0.96 -5.46 5.27
CA SER A 304 -0.84 -6.24 6.44
C SER A 304 0.52 -6.87 6.40
N SER A 305 0.89 -7.47 7.52
N SER A 305 0.89 -7.50 7.50
CA SER A 305 2.13 -8.20 7.65
CA SER A 305 2.15 -8.22 7.64
C SER A 305 3.37 -7.31 7.47
C SER A 305 3.35 -7.29 7.39
N ASN A 306 3.23 -6.06 7.87
CA ASN A 306 4.40 -5.14 7.97
C ASN A 306 5.12 -5.44 9.24
N LEU A 307 6.36 -4.96 9.35
CA LEU A 307 7.06 -5.13 10.63
C LEU A 307 8.06 -3.96 10.75
N VAL A 308 7.87 -3.13 11.73
CA VAL A 308 8.84 -2.07 12.05
C VAL A 308 9.45 -2.46 13.44
N THR A 309 10.74 -2.85 13.44
CA THR A 309 11.44 -3.25 14.61
C THR A 309 12.38 -2.12 15.08
N ILE A 310 12.27 -1.69 16.33
CA ILE A 310 13.07 -0.58 16.88
C ILE A 310 14.02 -1.12 17.93
N ASN A 311 15.35 -0.97 17.67
CA ASN A 311 16.41 -1.40 18.57
C ASN A 311 16.84 -0.36 19.63
N GLU A 312 16.73 0.93 19.33
N GLU A 312 16.81 0.93 19.28
CA GLU A 312 17.05 1.96 20.28
CA GLU A 312 17.16 2.00 20.22
C GLU A 312 15.92 2.92 20.54
C GLU A 312 15.96 2.89 20.51
N PHE A 313 15.49 3.69 19.52
CA PHE A 313 14.31 4.49 19.71
C PHE A 313 13.71 4.95 18.40
N ALA A 314 12.44 5.37 18.49
CA ALA A 314 11.81 6.11 17.43
C ALA A 314 11.26 7.36 18.01
N TYR A 315 11.47 8.49 17.32
CA TYR A 315 11.10 9.79 17.75
C TYR A 315 10.33 10.37 16.61
N PHE A 316 9.11 10.87 16.85
CA PHE A 316 8.15 11.22 15.79
C PHE A 316 7.16 12.26 16.27
N ASN A 317 6.56 12.97 15.33
CA ASN A 317 5.44 13.80 15.68
C ASN A 317 4.11 12.98 15.69
N LYS A 318 4.00 12.04 14.77
CA LYS A 318 2.79 11.17 14.64
C LYS A 318 3.21 9.73 14.30
N LEU A 319 2.66 8.76 15.05
CA LEU A 319 2.84 7.36 14.78
C LEU A 319 1.38 6.80 14.61
N ASN A 320 1.08 6.28 13.45
CA ASN A 320 -0.21 5.61 13.14
C ASN A 320 0.07 4.16 12.97
N ILE A 321 -0.44 3.32 13.86
CA ILE A 321 -0.36 1.87 13.70
C ILE A 321 -1.82 1.33 13.48
N TRP A 322 -2.18 1.04 12.24
CA TRP A 322 -3.55 0.59 11.88
C TRP A 322 -3.55 -0.83 11.31
N THR A 323 -2.38 -1.51 11.33
CA THR A 323 -2.22 -2.85 10.94
C THR A 323 -1.03 -3.47 11.66
N ASP A 324 -0.70 -4.72 11.42
CA ASP A 324 0.42 -5.38 12.08
C ASP A 324 1.68 -4.96 11.36
N LYS A 325 2.79 -4.61 12.03
N LYS A 325 2.76 -4.53 12.03
CA LYS A 325 2.95 -4.33 13.45
CA LYS A 325 3.02 -4.54 13.48
C LYS A 325 4.23 -3.48 13.69
C LYS A 325 4.33 -3.78 13.80
N MET A 326 4.37 -3.04 14.91
CA MET A 326 5.62 -2.39 15.40
C MET A 326 6.09 -3.24 16.59
N VAL A 327 7.38 -3.60 16.62
CA VAL A 327 8.02 -4.23 17.77
C VAL A 327 9.10 -3.34 18.42
N LEU A 328 8.98 -3.10 19.74
CA LEU A 328 10.03 -2.39 20.53
C LEU A 328 10.91 -3.45 21.16
N LYS A 329 12.15 -3.55 20.72
N LYS A 329 12.17 -3.53 20.77
CA LYS A 329 13.10 -4.48 21.32
CA LYS A 329 13.08 -4.47 21.38
C LYS A 329 13.48 -4.04 22.73
C LYS A 329 13.57 -4.00 22.75
N SER A 330 14.16 -4.91 23.47
N SER A 330 14.24 -4.89 23.46
CA SER A 330 14.38 -4.65 24.87
CA SER A 330 14.53 -4.65 24.84
C SER A 330 15.10 -3.33 25.08
C SER A 330 15.13 -3.29 25.06
N ASN A 331 14.64 -2.62 26.10
CA ASN A 331 15.14 -1.29 26.52
C ASN A 331 14.97 -0.11 25.54
N SER A 332 14.25 -0.33 24.45
CA SER A 332 14.05 0.73 23.49
C SER A 332 12.91 1.66 23.93
N LYS A 333 12.81 2.81 23.25
N LYS A 333 12.76 2.75 23.18
CA LYS A 333 11.83 3.82 23.63
CA LYS A 333 11.90 3.82 23.60
C LYS A 333 11.14 4.45 22.46
C LYS A 333 11.10 4.33 22.42
N LEU A 334 9.90 4.84 22.68
CA LEU A 334 9.21 5.69 21.72
C LEU A 334 9.14 7.06 22.30
N PHE A 335 9.42 8.09 21.48
CA PHE A 335 9.32 9.48 21.86
C PHE A 335 8.31 10.18 20.92
N GLY A 336 7.07 10.35 21.36
CA GLY A 336 6.11 11.11 20.66
C GLY A 336 6.00 12.50 21.15
N GLY A 337 5.15 13.34 20.54
CA GLY A 337 4.31 13.03 19.41
C GLY A 337 3.03 12.34 19.86
N ASP A 338 2.12 12.20 18.90
CA ASP A 338 0.89 11.47 19.15
C ASP A 338 0.97 10.10 18.54
N ILE A 339 0.30 9.17 19.19
CA ILE A 339 0.27 7.81 18.79
C ILE A 339 -1.19 7.40 18.62
N GLU A 340 -1.54 6.79 17.48
CA GLU A 340 -2.94 6.39 17.26
C GLU A 340 -2.90 4.95 16.76
N ILE A 341 -3.56 4.02 17.49
CA ILE A 341 -3.61 2.64 17.11
C ILE A 341 -5.09 2.35 16.85
N ARG A 342 -5.41 1.94 15.62
CA ARG A 342 -6.79 1.60 15.30
C ARG A 342 -6.83 0.43 14.36
N ASN A 343 -8.04 0.00 14.01
CA ASN A 343 -8.19 -1.23 13.17
C ASN A 343 -7.38 -2.36 13.74
N ASP A 344 -6.53 -3.02 12.95
CA ASP A 344 -5.74 -4.14 13.35
C ASP A 344 -4.29 -3.75 13.88
N GLY A 345 -4.17 -2.50 14.25
CA GLY A 345 -2.86 -2.05 14.72
C GLY A 345 -2.38 -2.85 15.88
N ILE A 346 -1.12 -3.29 15.86
CA ILE A 346 -0.50 -3.97 16.97
C ILE A 346 0.88 -3.25 17.31
N LEU A 347 1.04 -2.92 18.57
CA LEU A 347 2.35 -2.47 19.18
C LEU A 347 2.71 -3.52 20.21
N SER A 348 3.84 -4.18 19.96
N SER A 348 3.80 -4.24 19.93
CA SER A 348 4.42 -5.17 20.84
CA SER A 348 4.39 -5.15 20.90
C SER A 348 5.75 -4.70 21.37
C SER A 348 5.64 -4.50 21.45
N ALA A 349 6.03 -4.93 22.65
CA ALA A 349 7.22 -4.38 23.28
C ALA A 349 7.82 -5.31 24.29
N ASP A 350 9.13 -5.37 24.31
CA ASP A 350 9.86 -6.28 25.18
C ASP A 350 10.24 -5.62 26.46
N VAL A 351 10.96 -6.36 27.30
N VAL A 351 10.99 -6.33 27.31
CA VAL A 351 11.44 -5.85 28.60
CA VAL A 351 11.29 -5.79 28.64
C VAL A 351 12.11 -4.48 28.60
C VAL A 351 12.10 -4.50 28.62
N GLY A 352 11.82 -3.65 29.59
CA GLY A 352 12.48 -2.40 29.77
C GLY A 352 12.10 -1.20 28.89
N THR A 353 11.14 -1.41 28.02
CA THR A 353 10.70 -0.42 27.11
C THR A 353 9.85 0.65 27.76
N VAL A 354 9.90 1.85 27.21
CA VAL A 354 9.10 2.97 27.68
C VAL A 354 8.53 3.67 26.46
N VAL A 355 7.30 4.15 26.57
CA VAL A 355 6.65 4.92 25.55
C VAL A 355 6.26 6.27 26.10
N TYR A 356 6.72 7.35 25.47
CA TYR A 356 6.28 8.70 25.74
C TYR A 356 5.43 9.30 24.61
N ALA A 357 4.34 9.91 24.98
CA ALA A 357 3.43 10.54 24.07
C ALA A 357 2.78 11.76 24.63
N ASN A 358 2.36 12.60 23.69
CA ASN A 358 1.41 13.67 23.96
C ASN A 358 0.00 13.01 24.00
N ASN A 359 -0.67 12.84 22.85
CA ASN A 359 -1.93 12.09 22.80
C ASN A 359 -1.68 10.65 22.50
N LEU A 360 -2.37 9.76 23.22
CA LEU A 360 -2.27 8.34 22.95
C LEU A 360 -3.71 7.84 22.73
N ASP A 361 -4.00 7.35 21.55
CA ASP A 361 -5.40 6.94 21.23
C ASP A 361 -5.37 5.49 20.84
N ILE A 362 -6.28 4.67 21.41
CA ILE A 362 -6.36 3.23 21.09
C ILE A 362 -7.84 2.97 20.80
N ILE A 363 -8.16 2.53 19.58
CA ILE A 363 -9.53 2.67 19.04
C ILE A 363 -9.97 1.34 18.49
N GLY A 364 -11.00 0.74 19.12
CA GLY A 364 -11.54 -0.51 18.67
C GLY A 364 -11.00 -1.78 19.26
N SER A 365 -11.79 -2.83 19.07
N SER A 365 -11.80 -2.82 19.09
CA SER A 365 -11.59 -4.10 19.70
CA SER A 365 -11.56 -4.10 19.72
C SER A 365 -10.40 -4.93 19.18
C SER A 365 -10.38 -4.92 19.19
N SER A 366 -9.87 -4.64 17.99
CA SER A 366 -8.63 -5.30 17.51
C SER A 366 -7.32 -4.47 17.75
N ALA A 367 -7.45 -3.25 18.23
CA ALA A 367 -6.23 -2.37 18.50
C ALA A 367 -5.54 -2.91 19.73
N THR A 368 -4.24 -3.12 19.63
CA THR A 368 -3.52 -3.91 20.60
C THR A 368 -2.22 -3.25 21.01
N ILE A 369 -2.01 -3.17 22.32
CA ILE A 369 -0.69 -3.01 22.88
C ILE A 369 -0.35 -4.23 23.70
N ASP A 370 0.66 -4.96 23.28
CA ASP A 370 1.13 -6.13 23.98
C ASP A 370 2.50 -5.88 24.49
N ALA A 371 2.55 -5.38 25.72
CA ALA A 371 3.79 -4.77 26.28
C ALA A 371 3.80 -4.90 27.77
N PRO A 372 3.79 -6.16 28.28
CA PRO A 372 3.46 -6.34 29.70
C PRO A 372 4.44 -5.72 30.67
N ASP A 373 5.70 -5.46 30.26
CA ASP A 373 6.68 -4.76 31.10
C ASP A 373 6.81 -3.25 30.85
N THR A 374 5.94 -2.71 30.01
CA THR A 374 6.19 -1.34 29.52
C THR A 374 5.45 -0.35 30.36
N VAL A 375 6.12 0.82 30.57
CA VAL A 375 5.51 1.96 31.09
C VAL A 375 5.16 2.94 29.96
N LEU A 376 3.94 3.44 29.94
CA LEU A 376 3.48 4.41 28.98
C LEU A 376 3.14 5.73 29.69
N TYR A 377 3.70 6.82 29.17
CA TYR A 377 3.44 8.15 29.65
C TYR A 377 2.69 8.94 28.55
N CYS A 378 1.57 9.55 28.89
CA CYS A 378 0.84 10.41 28.01
C CYS A 378 0.24 11.64 28.68
N ASN A 379 -0.04 12.66 27.86
CA ASN A 379 -0.84 13.77 28.33
C ASN A 379 -2.34 13.43 28.28
N ASN A 380 -2.84 12.99 27.11
CA ASN A 380 -4.20 12.56 27.02
C ASN A 380 -4.23 11.13 26.55
N LEU A 381 -5.13 10.34 27.15
CA LEU A 381 -5.39 8.94 26.79
C LEU A 381 -6.81 8.82 26.33
N LYS A 382 -7.03 8.31 25.10
CA LYS A 382 -8.38 8.01 24.58
C LYS A 382 -8.47 6.54 24.29
N ILE A 383 -9.45 5.86 24.91
CA ILE A 383 -9.76 4.45 24.69
C ILE A 383 -11.24 4.42 24.21
N ASP A 384 -11.47 3.88 23.00
CA ASP A 384 -12.78 3.71 22.44
C ASP A 384 -12.93 2.25 22.11
N GLY A 385 -13.82 1.57 22.81
CA GLY A 385 -14.03 0.15 22.63
C GLY A 385 -13.27 -0.77 23.51
N GLU A 386 -13.42 -2.08 23.26
CA GLU A 386 -12.87 -3.10 24.12
C GLU A 386 -11.51 -3.36 23.55
N VAL A 387 -10.65 -2.35 23.73
CA VAL A 387 -9.25 -2.48 23.30
C VAL A 387 -8.50 -3.63 24.02
N LYS A 388 -7.38 -4.06 23.44
CA LYS A 388 -6.54 -5.02 24.05
C LYS A 388 -5.26 -4.36 24.53
N LEU A 389 -5.16 -4.13 25.84
N LEU A 389 -5.15 -4.15 25.85
CA LEU A 389 -4.00 -3.47 26.45
CA LEU A 389 -4.03 -3.45 26.48
C LEU A 389 -3.43 -4.39 27.49
C LEU A 389 -3.44 -4.35 27.52
N ASN A 390 -2.16 -4.68 27.39
CA ASN A 390 -1.45 -5.49 28.35
C ASN A 390 -0.11 -4.79 28.67
N VAL A 391 -0.08 -4.00 29.75
CA VAL A 391 1.05 -3.19 30.07
C VAL A 391 1.34 -3.19 31.53
N LYS A 392 2.47 -2.58 31.91
CA LYS A 392 2.78 -2.51 33.34
C LYS A 392 2.19 -1.28 34.01
N LYS A 393 2.42 -0.10 33.45
CA LYS A 393 1.92 1.14 34.04
C LYS A 393 1.59 2.17 32.99
N ILE A 394 0.52 2.92 33.24
CA ILE A 394 0.20 4.08 32.40
C ILE A 394 0.18 5.28 33.34
N VAL A 395 0.79 6.36 32.88
CA VAL A 395 0.77 7.64 33.53
C VAL A 395 0.06 8.58 32.63
N CYS A 396 -1.00 9.25 33.07
CA CYS A 396 -1.70 10.17 32.23
C CYS A 396 -1.75 11.52 33.00
N SER A 397 -1.09 12.58 32.52
CA SER A 397 -1.11 13.88 33.21
C SER A 397 -2.25 14.75 32.84
N GLY A 398 -3.01 14.44 31.74
CA GLY A 398 -4.07 15.27 31.25
C GLY A 398 -5.42 14.65 31.53
N THR A 399 -6.13 14.22 30.47
CA THR A 399 -7.47 13.68 30.64
C THR A 399 -7.50 12.30 30.00
N ILE A 400 -8.22 11.38 30.63
CA ILE A 400 -8.53 10.05 30.06
C ILE A 400 -9.98 10.16 29.58
N THR A 401 -10.16 9.89 28.26
CA THR A 401 -11.46 9.89 27.65
C THR A 401 -11.77 8.41 27.31
N ILE A 402 -12.85 7.89 27.90
N ILE A 402 -12.87 7.87 27.85
CA ILE A 402 -13.30 6.53 27.61
CA ILE A 402 -13.24 6.48 27.63
C ILE A 402 -14.69 6.55 26.95
C ILE A 402 -14.68 6.35 27.15
N SER A 403 -14.87 5.60 26.04
CA SER A 403 -16.19 5.39 25.41
C SER A 403 -16.33 3.99 24.93
N ASN A 404 -17.60 3.54 24.82
CA ASN A 404 -17.91 2.18 24.31
C ASN A 404 -17.12 1.16 25.04
N LEU A 405 -16.88 1.41 26.33
CA LEU A 405 -16.04 0.53 27.10
C LEU A 405 -16.95 0.11 28.24
N ASN A 406 -17.43 -1.14 28.13
CA ASN A 406 -18.41 -1.68 29.07
C ASN A 406 -17.88 -2.68 30.05
N SER A 407 -16.99 -3.57 29.62
CA SER A 407 -16.39 -4.53 30.53
C SER A 407 -14.93 -4.25 30.87
N GLY A 408 -14.14 -3.79 29.91
CA GLY A 408 -12.69 -3.75 30.07
C GLY A 408 -11.96 -5.08 30.24
N THR A 409 -12.49 -6.21 29.79
N THR A 409 -12.50 -6.17 29.72
CA THR A 409 -11.83 -7.48 30.15
CA THR A 409 -11.94 -7.48 30.03
C THR A 409 -10.65 -7.85 29.26
C THR A 409 -10.51 -7.59 29.52
N ASN A 410 -10.26 -6.97 28.34
CA ASN A 410 -8.93 -7.06 27.73
C ASN A 410 -7.98 -5.93 28.11
N ILE A 411 -8.30 -5.17 29.15
CA ILE A 411 -7.38 -4.11 29.65
C ILE A 411 -6.71 -4.71 30.85
N ARG A 412 -5.40 -4.96 30.76
N ARG A 412 -5.41 -5.02 30.76
CA ARG A 412 -4.60 -5.46 31.86
CA ARG A 412 -4.60 -5.52 31.87
C ARG A 412 -3.46 -4.52 32.14
C ARG A 412 -3.46 -4.55 32.15
N VAL A 413 -3.34 -4.15 33.42
CA VAL A 413 -2.29 -3.18 33.86
C VAL A 413 -1.81 -3.72 35.18
N SER A 414 -0.57 -4.21 35.19
CA SER A 414 -0.09 -4.93 36.36
C SER A 414 0.26 -4.03 37.55
N ASP A 415 0.67 -2.80 37.30
CA ASP A 415 0.93 -1.86 38.37
C ASP A 415 -0.30 -0.95 38.52
N LYS A 416 -0.39 0.12 37.72
CA LYS A 416 -1.48 1.06 37.88
C LYS A 416 -1.63 1.96 36.70
N ILE A 417 -2.79 2.62 36.63
CA ILE A 417 -3.00 3.74 35.75
C ILE A 417 -3.01 4.94 36.71
N GLU A 418 -1.91 5.70 36.71
CA GLU A 418 -1.77 6.86 37.56
C GLU A 418 -2.15 8.07 36.78
N CYS A 419 -3.14 8.79 37.25
CA CYS A 419 -3.74 9.84 36.42
C CYS A 419 -4.15 11.04 37.28
N ARG A 420 -4.14 12.19 36.66
CA ARG A 420 -4.51 13.46 37.29
C ARG A 420 -5.93 13.38 37.85
N SER A 421 -6.86 12.74 37.09
CA SER A 421 -8.29 12.74 37.41
C SER A 421 -8.84 11.40 36.91
N ILE A 422 -9.29 10.60 37.84
CA ILE A 422 -9.99 9.35 37.49
C ILE A 422 -11.31 9.68 36.74
N PRO A 423 -11.49 9.11 35.53
CA PRO A 423 -12.70 9.46 34.72
C PRO A 423 -13.92 8.72 35.23
N GLN A 424 -15.09 9.31 34.93
CA GLN A 424 -16.35 8.78 35.42
C GLN A 424 -16.70 7.51 34.60
N ASN A 425 -17.65 6.74 35.11
CA ASN A 425 -18.31 5.62 34.43
C ASN A 425 -17.30 4.50 33.96
N ILE A 426 -16.25 4.31 34.72
CA ILE A 426 -15.26 3.20 34.45
C ILE A 426 -15.99 1.86 34.78
N PRO A 427 -15.82 0.82 33.91
CA PRO A 427 -16.39 -0.46 34.29
C PRO A 427 -15.85 -1.01 35.60
N SER A 428 -16.73 -1.61 36.42
CA SER A 428 -16.32 -1.95 37.76
C SER A 428 -15.13 -2.89 37.80
N GLY A 429 -15.02 -3.78 36.85
CA GLY A 429 -13.92 -4.77 36.84
C GLY A 429 -12.51 -4.22 36.54
N ILE A 430 -12.42 -2.98 36.08
CA ILE A 430 -11.08 -2.30 35.97
C ILE A 430 -10.94 -1.05 36.78
N ARG A 431 -11.93 -0.76 37.62
CA ARG A 431 -11.86 0.46 38.40
C ARG A 431 -10.67 0.48 39.29
N ASN A 432 -10.29 -0.62 39.92
N ASN A 432 -10.31 -0.72 39.77
CA ASN A 432 -9.17 -0.56 40.87
CA ASN A 432 -9.19 -0.95 40.68
C ASN A 432 -7.77 -0.63 40.18
C ASN A 432 -7.86 -0.40 40.17
N LEU A 433 -7.72 -0.43 38.87
CA LEU A 433 -6.43 -0.13 38.21
C LEU A 433 -6.05 1.33 38.41
N PHE A 434 -7.04 2.20 38.57
CA PHE A 434 -6.79 3.62 38.51
C PHE A 434 -6.44 4.20 39.89
N VAL A 435 -5.43 5.08 39.92
CA VAL A 435 -4.97 5.77 41.12
C VAL A 435 -4.85 7.28 40.84
N GLN A 436 -5.43 8.16 41.68
CA GLN A 436 -5.50 9.56 41.34
C GLN A 436 -4.34 10.27 41.96
N ASN A 437 -3.64 11.05 41.14
CA ASN A 437 -2.53 11.88 41.64
C ASN A 437 -2.66 13.16 40.87
N PRO A 438 -3.22 14.17 41.49
CA PRO A 438 -3.51 15.40 40.81
C PRO A 438 -2.30 16.15 40.26
N ASN A 439 -1.14 15.80 40.78
CA ASN A 439 0.14 16.49 40.41
C ASN A 439 1.00 15.63 39.48
N VAL A 440 0.48 14.56 38.95
CA VAL A 440 1.31 13.65 38.18
C VAL A 440 1.78 14.42 36.91
N ASN A 441 3.09 14.28 36.65
CA ASN A 441 3.69 15.04 35.57
C ASN A 441 4.89 14.33 35.04
N PHE A 442 5.25 14.59 33.79
CA PHE A 442 6.49 14.06 33.23
C PHE A 442 6.97 14.99 32.11
N GLN A 443 8.26 14.95 31.88
CA GLN A 443 8.92 15.83 30.92
C GLN A 443 9.68 14.84 30.02
N ILE A 444 9.29 14.79 28.74
CA ILE A 444 9.81 13.71 27.90
C ILE A 444 11.28 13.99 27.55
N PRO A 445 12.18 13.04 27.76
CA PRO A 445 13.63 13.28 27.55
C PRO A 445 14.05 13.00 26.08
N TYR A 446 13.66 13.91 25.26
CA TYR A 446 13.83 13.74 23.82
C TYR A 446 15.29 13.66 23.49
N PRO A 447 15.66 12.72 22.64
CA PRO A 447 17.03 12.76 22.04
C PRO A 447 17.39 14.06 21.36
N THR A 448 18.65 14.49 21.52
N THR A 448 18.67 14.43 21.52
CA THR A 448 19.12 15.61 20.74
CA THR A 448 19.35 15.44 20.77
C THR A 448 19.27 15.19 19.25
C THR A 448 19.28 15.14 19.23
N ILE A 449 19.11 16.17 18.40
CA ILE A 449 19.34 15.97 16.93
C ILE A 449 20.86 15.72 16.71
N PRO A 450 21.21 14.60 16.06
CA PRO A 450 22.60 14.27 15.84
C PRO A 450 23.29 15.36 15.04
N ALA A 451 24.55 15.60 15.41
CA ALA A 451 25.36 16.62 14.78
C ALA A 451 25.52 16.39 13.31
N ILE A 452 25.64 15.13 12.92
CA ILE A 452 25.76 14.81 11.50
C ILE A 452 24.55 15.29 10.72
N ILE A 453 23.34 15.18 11.28
CA ILE A 453 22.15 15.64 10.59
C ILE A 453 22.09 17.16 10.52
N GLU A 454 22.48 17.84 11.60
CA GLU A 454 22.59 19.27 11.60
C GLU A 454 23.48 19.74 10.47
N GLU A 455 24.60 19.07 10.31
CA GLU A 455 25.58 19.52 9.26
C GLU A 455 25.06 19.22 7.87
N ILE A 456 24.44 18.06 7.66
CA ILE A 456 23.86 17.76 6.33
C ILE A 456 22.80 18.76 5.92
N LYS A 457 22.03 19.25 6.90
CA LYS A 457 20.94 20.13 6.59
C LYS A 457 21.38 21.56 6.37
N LYS A 458 22.58 21.91 6.77
N LYS A 458 22.60 21.89 6.80
CA LYS A 458 23.09 23.27 6.57
CA LYS A 458 23.17 23.25 6.64
C LYS A 458 23.34 23.50 5.11
C LYS A 458 23.32 23.56 5.18
N ASN A 459 23.28 24.78 4.72
N ASN A 459 23.32 24.86 4.87
CA ASN A 459 23.42 25.16 3.32
CA ASN A 459 23.46 25.30 3.49
C ASN A 459 24.86 24.95 2.81
C ASN A 459 24.80 24.91 2.86
N THR A 460 25.82 24.72 3.69
CA THR A 460 27.13 24.33 3.30
C THR A 460 27.17 22.93 2.67
N PHE A 461 26.15 22.09 2.91
CA PHE A 461 26.28 20.72 2.37
C PHE A 461 25.43 20.52 1.18
N PRO A 462 25.98 20.07 0.06
CA PRO A 462 27.31 19.49 -0.12
C PRO A 462 28.34 20.44 -0.76
N THR A 463 27.88 21.64 -1.12
CA THR A 463 28.74 22.46 -1.98
C THR A 463 30.03 23.03 -1.38
N ASN A 464 30.24 23.04 -0.05
CA ASN A 464 31.52 23.32 0.46
C ASN A 464 32.58 22.36 -0.05
N TRP A 465 32.19 21.10 -0.36
CA TRP A 465 33.09 20.04 -0.71
C TRP A 465 33.01 19.46 -2.14
N ILE A 466 31.95 19.74 -2.84
CA ILE A 466 31.78 19.27 -4.19
C ILE A 466 31.11 20.38 -4.98
N ARG A 467 31.76 20.75 -6.09
CA ARG A 467 31.38 22.01 -6.81
C ARG A 467 31.41 21.69 -8.29
N LEU A 468 30.31 21.13 -8.79
CA LEU A 468 30.28 20.74 -10.19
C LEU A 468 30.32 21.95 -11.13
N ASP A 469 29.96 23.12 -10.62
CA ASP A 469 30.08 24.35 -11.43
C ASP A 469 31.49 24.77 -11.65
N ASN A 470 32.48 24.15 -10.96
CA ASN A 470 33.88 24.40 -11.18
C ASN A 470 34.40 23.59 -12.37
N ILE A 471 33.56 22.82 -13.06
CA ILE A 471 33.95 22.17 -14.29
C ILE A 471 33.77 23.22 -15.41
N VAL A 472 34.89 23.81 -15.87
CA VAL A 472 34.86 24.85 -16.94
C VAL A 472 35.52 24.35 -18.21
N GLU A 473 36.04 23.13 -18.23
N GLU A 473 36.09 23.13 -18.16
CA GLU A 473 36.57 22.57 -19.46
CA GLU A 473 36.74 22.48 -19.31
C GLU A 473 36.53 21.08 -19.30
C GLU A 473 36.39 21.01 -19.27
N ASP A 474 36.40 20.37 -20.43
CA ASP A 474 36.34 18.93 -20.45
C ASP A 474 37.73 18.31 -20.20
N LYS A 475 37.76 17.14 -19.54
CA LYS A 475 39.05 16.42 -19.34
C LYS A 475 38.72 14.99 -19.71
N LYS A 476 39.28 14.50 -20.83
CA LYS A 476 38.97 13.21 -21.37
C LYS A 476 40.15 12.19 -21.51
N ASP A 477 41.31 12.54 -21.00
CA ASP A 477 42.50 11.69 -21.19
C ASP A 477 43.01 11.00 -19.94
N ILE A 478 42.21 10.98 -18.85
CA ILE A 478 42.57 10.36 -17.59
C ILE A 478 42.06 8.93 -17.65
N ASN A 479 42.75 8.13 -18.47
CA ASN A 479 42.38 6.74 -18.73
C ASN A 479 43.57 5.83 -18.42
N GLY A 480 43.26 4.56 -18.20
CA GLY A 480 44.33 3.61 -17.88
C GLY A 480 43.99 2.25 -18.46
N ALA A 481 44.75 1.26 -18.04
CA ALA A 481 44.57 -0.06 -18.64
C ALA A 481 43.18 -0.60 -18.29
N ASN A 482 42.72 -0.38 -17.07
CA ASN A 482 41.43 -0.95 -16.61
C ASN A 482 40.35 0.17 -16.40
N TYR A 483 40.52 1.35 -17.02
CA TYR A 483 39.55 2.41 -16.82
C TYR A 483 39.51 3.52 -17.81
N TYR A 484 38.33 4.15 -17.91
CA TYR A 484 38.14 5.37 -18.62
C TYR A 484 37.46 6.37 -17.72
N SER A 485 37.81 7.63 -17.90
N SER A 485 37.85 7.63 -17.87
CA SER A 485 37.18 8.75 -17.14
CA SER A 485 37.26 8.76 -17.09
C SER A 485 36.86 9.93 -17.98
C SER A 485 36.74 9.80 -18.05
N LEU A 486 35.79 10.61 -17.55
CA LEU A 486 35.28 11.76 -18.25
C LEU A 486 34.88 12.79 -17.22
N VAL A 487 35.43 14.04 -17.41
CA VAL A 487 35.04 15.23 -16.69
C VAL A 487 34.43 16.10 -17.79
N SER A 488 33.10 16.37 -17.68
CA SER A 488 32.35 16.95 -18.77
C SER A 488 31.62 18.21 -18.37
N THR A 489 31.70 19.24 -19.25
CA THR A 489 30.91 20.45 -19.08
C THR A 489 29.48 20.17 -19.53
N GLY A 490 29.22 19.08 -20.23
CA GLY A 490 27.90 18.79 -20.73
C GLY A 490 27.57 19.47 -22.07
N GLN A 491 28.52 20.16 -22.69
N GLN A 491 28.55 20.14 -22.69
CA GLN A 491 28.25 20.80 -23.98
CA GLN A 491 28.34 20.83 -23.98
C GLN A 491 28.10 19.74 -25.07
C GLN A 491 28.53 19.94 -25.22
N ASN A 492 28.91 18.68 -25.02
CA ASN A 492 28.78 17.60 -26.02
C ASN A 492 27.90 16.46 -25.45
N SER A 493 26.71 16.37 -25.99
CA SER A 493 25.75 15.36 -25.59
C SER A 493 26.27 13.93 -25.70
N ASN A 494 26.99 13.63 -26.80
N ASN A 494 27.03 13.65 -26.75
CA ASN A 494 27.49 12.29 -27.14
CA ASN A 494 27.45 12.29 -27.06
C ASN A 494 28.57 11.80 -26.18
C ASN A 494 28.65 11.74 -26.26
N ASP A 495 29.12 12.69 -25.37
N ASP A 495 29.37 12.60 -25.55
CA ASP A 495 30.30 12.29 -24.60
CA ASP A 495 30.57 12.12 -24.82
C ASP A 495 29.95 11.27 -23.53
C ASP A 495 30.27 11.05 -23.79
N ILE A 496 28.74 11.33 -22.98
N ILE A 496 29.09 11.13 -23.16
CA ILE A 496 28.26 10.27 -22.09
CA ILE A 496 28.64 10.17 -22.17
C ILE A 496 28.20 8.93 -22.81
C ILE A 496 28.23 8.85 -22.82
N ASN A 497 27.51 8.89 -23.96
CA ASN A 497 27.32 7.61 -24.69
C ASN A 497 28.70 6.98 -25.15
N GLU A 498 29.58 7.87 -25.50
CA GLU A 498 30.90 7.47 -25.98
C GLU A 498 31.71 6.71 -24.90
N ILE A 499 31.68 7.20 -23.66
CA ILE A 499 32.39 6.47 -22.60
C ILE A 499 31.72 5.19 -22.26
N PHE A 500 30.38 5.17 -22.20
CA PHE A 500 29.74 3.92 -21.93
C PHE A 500 29.99 2.85 -22.99
N ASN A 501 30.09 3.30 -24.25
N ASN A 501 30.11 3.27 -24.23
CA ASN A 501 30.50 2.45 -25.41
CA ASN A 501 30.42 2.28 -25.29
C ASN A 501 31.78 1.64 -25.09
C ASN A 501 31.85 1.72 -25.21
N LYS A 502 32.70 2.24 -24.32
CA LYS A 502 34.00 1.60 -24.00
C LYS A 502 33.83 0.35 -23.16
N ASN A 503 32.60 0.09 -22.69
CA ASN A 503 32.25 -1.16 -22.06
C ASN A 503 31.30 -2.09 -22.76
N LYS A 504 31.81 -3.10 -23.48
CA LYS A 504 30.98 -4.10 -24.17
C LYS A 504 30.28 -5.02 -23.13
N PRO A 505 28.91 -5.01 -23.08
CA PRO A 505 28.18 -5.86 -22.11
C PRO A 505 28.18 -7.33 -22.46
N ASN A 506 28.46 -7.62 -23.71
CA ASN A 506 28.56 -8.97 -24.24
C ASN A 506 29.90 -9.64 -23.84
N ASN A 507 30.86 -8.86 -23.30
CA ASN A 507 32.20 -9.37 -22.91
C ASN A 507 32.44 -9.09 -21.42
N PRO A 508 31.83 -9.88 -20.50
CA PRO A 508 32.01 -9.57 -19.07
C PRO A 508 33.47 -9.47 -18.60
N HIS A 509 34.25 -10.54 -18.72
CA HIS A 509 35.55 -10.51 -18.06
C HIS A 509 36.42 -9.30 -18.46
N SER A 510 36.23 -8.74 -19.67
CA SER A 510 36.93 -7.53 -20.16
C SER A 510 36.28 -6.15 -19.78
N ASN A 511 35.39 -6.15 -18.78
N ASN A 511 35.41 -6.16 -18.77
CA ASN A 511 34.84 -4.90 -18.22
CA ASN A 511 34.90 -4.97 -18.09
C ASN A 511 35.96 -3.95 -17.69
C ASN A 511 36.00 -3.95 -17.66
N VAL A 512 35.88 -2.69 -18.09
CA VAL A 512 36.71 -1.65 -17.56
C VAL A 512 35.89 -0.73 -16.69
N GLN A 513 36.58 -0.10 -15.80
CA GLN A 513 35.96 0.82 -14.91
C GLN A 513 35.62 2.10 -15.59
N ILE A 514 34.56 2.76 -15.09
CA ILE A 514 34.02 3.95 -15.72
C ILE A 514 33.85 5.00 -14.65
N PHE A 515 34.42 6.18 -14.88
CA PHE A 515 34.29 7.29 -13.93
C PHE A 515 33.79 8.52 -14.69
N VAL A 516 32.59 8.98 -14.32
CA VAL A 516 31.94 10.13 -14.96
C VAL A 516 31.63 11.21 -13.96
N ILE A 517 32.12 12.44 -14.23
CA ILE A 517 31.84 13.58 -13.41
C ILE A 517 31.35 14.69 -14.33
N THR A 518 30.12 15.14 -14.21
CA THR A 518 29.56 15.97 -15.32
C THR A 518 28.60 16.99 -14.87
N LYS A 519 28.65 18.18 -15.52
CA LYS A 519 27.65 19.22 -15.27
C LYS A 519 26.30 18.91 -15.88
N SER A 520 26.23 17.98 -16.81
CA SER A 520 24.99 17.47 -17.40
C SER A 520 24.35 16.46 -16.44
N GLY A 521 23.24 15.87 -16.87
CA GLY A 521 22.83 14.60 -16.31
C GLY A 521 23.58 13.44 -16.93
N ILE A 522 23.27 12.27 -16.49
CA ILE A 522 23.79 11.02 -16.99
C ILE A 522 22.67 10.08 -17.28
N ASN A 523 22.50 9.72 -18.57
CA ASN A 523 21.53 8.69 -18.93
C ASN A 523 22.27 7.49 -19.29
N VAL A 524 22.17 6.47 -18.47
CA VAL A 524 22.91 5.25 -18.66
C VAL A 524 22.21 4.35 -19.70
N PRO A 525 22.94 3.97 -20.75
CA PRO A 525 22.27 3.19 -21.81
C PRO A 525 21.68 1.91 -21.31
N PRO A 526 20.56 1.48 -21.94
CA PRO A 526 19.96 0.21 -21.50
C PRO A 526 20.70 -1.08 -21.72
N ASP A 527 21.72 -1.09 -22.57
CA ASP A 527 22.46 -2.35 -22.74
C ASP A 527 23.55 -2.57 -21.68
N GLN A 528 23.84 -1.57 -20.85
CA GLN A 528 24.82 -1.80 -19.72
C GLN A 528 24.30 -2.77 -18.69
N ASN A 529 25.10 -3.76 -18.31
CA ASN A 529 24.75 -4.66 -17.27
C ASN A 529 25.72 -4.76 -16.09
N HIS A 530 26.91 -4.16 -16.22
CA HIS A 530 27.87 -4.21 -15.12
C HIS A 530 28.71 -2.94 -15.20
N LEU A 531 28.63 -2.14 -14.15
N LEU A 531 28.63 -2.18 -14.14
CA LEU A 531 29.42 -0.92 -14.06
CA LEU A 531 29.42 -0.97 -14.02
C LEU A 531 30.15 -0.83 -12.73
C LEU A 531 30.19 -1.01 -12.71
N ASP A 532 31.49 -0.69 -12.80
CA ASP A 532 32.33 -0.47 -11.63
C ASP A 532 32.89 0.91 -11.78
N GLY A 533 32.71 1.72 -10.76
CA GLY A 533 33.22 3.07 -10.81
C GLY A 533 32.34 4.03 -10.08
N VAL A 534 32.23 5.25 -10.64
CA VAL A 534 31.57 6.34 -9.93
C VAL A 534 30.78 7.11 -11.03
N LEU A 535 29.57 7.57 -10.69
CA LEU A 535 28.77 8.44 -11.55
C LEU A 535 28.30 9.64 -10.74
N ILE A 536 28.74 10.84 -11.18
CA ILE A 536 28.58 12.12 -10.42
C ILE A 536 28.05 13.08 -11.45
N ALA A 537 26.84 13.57 -11.17
CA ALA A 537 26.12 14.45 -12.14
C ALA A 537 25.44 15.59 -11.49
N ASN A 538 25.53 16.76 -12.17
CA ASN A 538 24.74 17.92 -11.67
C ASN A 538 23.30 17.77 -12.10
N GLY A 539 23.03 17.13 -13.24
CA GLY A 539 21.70 16.79 -13.62
C GLY A 539 21.32 15.44 -13.08
N SER A 540 20.17 14.95 -13.45
CA SER A 540 19.70 13.68 -12.96
C SER A 540 20.50 12.50 -13.47
N LEU A 541 20.53 11.48 -12.64
N LEU A 541 20.69 11.49 -12.61
CA LEU A 541 21.10 10.23 -13.00
CA LEU A 541 21.17 10.18 -13.06
C LEU A 541 20.00 9.21 -13.29
C LEU A 541 19.93 9.42 -13.38
N GLN A 542 19.91 8.83 -14.57
CA GLN A 542 18.74 8.00 -15.03
C GLN A 542 19.25 6.80 -15.66
N PHE A 543 18.80 5.65 -15.18
CA PHE A 543 19.15 4.40 -15.75
C PHE A 543 18.06 4.04 -16.77
N ASN A 544 18.45 3.97 -18.03
CA ASN A 544 17.48 3.78 -19.15
C ASN A 544 17.16 2.30 -19.34
N GLY A 545 17.91 1.46 -18.63
CA GLY A 545 17.74 0.04 -18.56
C GLY A 545 17.79 -0.52 -17.17
N GLY A 546 17.29 -1.76 -17.03
CA GLY A 546 17.48 -2.49 -15.78
C GLY A 546 18.49 -3.62 -15.91
N ASN A 547 18.40 -4.59 -15.01
CA ASN A 547 19.25 -5.81 -15.02
C ASN A 547 20.77 -5.44 -15.03
N LEU A 548 21.11 -4.62 -14.06
CA LEU A 548 22.44 -3.97 -14.03
C LEU A 548 22.98 -4.07 -12.62
N ASN A 549 24.28 -4.48 -12.47
CA ASN A 549 24.96 -4.48 -11.20
C ASN A 549 25.95 -3.26 -11.26
N ILE A 550 25.88 -2.42 -10.23
N ILE A 550 25.94 -2.37 -10.30
CA ILE A 550 26.68 -1.20 -10.04
CA ILE A 550 26.87 -1.26 -10.35
C ILE A 550 27.51 -1.46 -8.82
C ILE A 550 27.48 -1.23 -8.99
N GLU A 551 28.83 -1.30 -8.95
CA GLU A 551 29.67 -1.38 -7.76
C GLU A 551 30.64 -0.15 -7.73
N TYR A 552 30.68 0.47 -6.59
CA TYR A 552 31.61 1.58 -6.35
C TYR A 552 33.06 1.04 -6.44
N VAL A 553 33.87 1.80 -7.13
CA VAL A 553 35.30 1.68 -7.02
C VAL A 553 35.82 3.12 -6.86
N ARG A 554 36.73 3.33 -5.91
N ARG A 554 36.73 3.33 -5.92
CA ARG A 554 37.41 4.64 -5.78
CA ARG A 554 37.38 4.65 -5.79
C ARG A 554 37.96 5.17 -7.11
C ARG A 554 37.95 5.17 -7.10
N MET A 555 37.75 6.46 -7.36
CA MET A 555 38.32 7.06 -8.52
C MET A 555 39.86 6.88 -8.58
N PRO A 556 40.39 6.79 -9.78
CA PRO A 556 41.85 6.63 -9.86
C PRO A 556 42.51 7.94 -9.31
N GLN A 557 43.68 7.77 -8.72
CA GLN A 557 44.32 8.89 -8.08
C GLN A 557 44.56 10.06 -9.04
N PRO A 558 44.93 9.82 -10.29
CA PRO A 558 45.20 10.96 -11.20
C PRO A 558 43.89 11.74 -11.48
N LEU A 559 42.78 11.03 -11.38
CA LEU A 559 41.46 11.74 -11.56
C LEU A 559 41.16 12.53 -10.32
N ILE A 560 41.34 12.00 -9.10
CA ILE A 560 41.13 12.71 -7.89
C ILE A 560 42.04 13.96 -7.85
N ASP A 561 43.31 13.77 -8.21
CA ASP A 561 44.26 14.88 -8.20
C ASP A 561 43.78 16.01 -9.15
N TYR A 562 43.29 15.64 -10.32
CA TYR A 562 42.74 16.62 -11.25
C TYR A 562 41.55 17.35 -10.66
N LEU A 563 40.61 16.61 -10.12
CA LEU A 563 39.45 17.24 -9.55
C LEU A 563 39.78 18.18 -8.38
N LEU A 564 40.75 17.83 -7.58
CA LEU A 564 41.15 18.64 -6.51
C LEU A 564 41.86 19.92 -7.06
N SER A 565 42.66 19.78 -8.10
CA SER A 565 43.40 20.92 -8.64
C SER A 565 42.48 21.98 -9.18
N LYS A 566 41.32 21.55 -9.67
CA LYS A 566 40.31 22.43 -10.20
C LYS A 566 39.26 22.82 -9.19
N ASN A 567 39.43 22.45 -7.93
CA ASN A 567 38.50 22.67 -6.87
C ASN A 567 37.08 22.19 -7.22
N ILE A 568 36.99 21.10 -8.01
CA ILE A 568 35.70 20.48 -8.26
C ILE A 568 35.33 19.65 -7.01
N ILE A 569 36.34 19.15 -6.32
N ILE A 569 36.35 19.13 -6.33
CA ILE A 569 36.16 18.65 -4.96
CA ILE A 569 36.22 18.55 -4.99
C ILE A 569 37.16 19.28 -4.05
C ILE A 569 37.17 19.25 -4.05
N LYS A 570 36.77 19.39 -2.80
CA LYS A 570 37.67 19.85 -1.73
C LYS A 570 37.56 18.80 -0.64
N ILE A 571 38.71 18.39 -0.10
CA ILE A 571 38.76 17.39 0.98
C ILE A 571 39.31 18.08 2.21
N GLU A 572 38.53 18.12 3.27
CA GLU A 572 38.97 18.79 4.46
C GLU A 572 39.11 17.75 5.54
N ASN A 573 40.04 18.06 6.45
CA ASN A 573 40.30 17.19 7.61
C ASN A 573 39.15 17.36 8.62
N VAL A 574 37.97 16.84 8.28
CA VAL A 574 36.80 17.06 9.12
C VAL A 574 36.95 16.15 10.35
N GLN A 575 36.60 16.71 11.51
CA GLN A 575 36.59 15.99 12.77
C GLN A 575 35.21 16.12 13.42
N PRO A 576 34.81 15.10 14.23
CA PRO A 576 33.52 15.19 14.94
C PRO A 576 33.54 16.33 15.94
N PRO A 577 32.46 17.14 16.00
CA PRO A 577 32.47 18.31 16.89
C PRO A 577 32.26 18.00 18.39
N VAL A 578 32.94 18.79 19.23
CA VAL A 578 32.73 18.79 20.70
C VAL A 578 32.77 20.23 21.26
N LEU B 170 -31.43 -2.08 -21.00
CA LEU B 170 -30.77 -3.31 -20.46
C LEU B 170 -29.51 -3.01 -19.66
N PRO B 171 -28.60 -2.19 -20.18
CA PRO B 171 -27.48 -1.82 -19.28
C PRO B 171 -28.00 -1.17 -17.98
N TYR B 172 -29.08 -0.39 -18.03
CA TYR B 172 -29.61 0.21 -16.81
C TYR B 172 -30.04 -0.86 -15.83
N LEU B 173 -30.51 -2.00 -16.32
CA LEU B 173 -31.05 -3.11 -15.48
C LEU B 173 -30.04 -4.14 -15.07
N LEU B 174 -28.77 -3.91 -15.34
CA LEU B 174 -27.69 -4.83 -15.07
C LEU B 174 -27.68 -5.11 -13.53
N ALA B 175 -27.75 -6.39 -13.18
CA ALA B 175 -27.70 -6.83 -11.80
C ALA B 175 -28.85 -6.33 -10.97
N TRP B 176 -29.96 -5.91 -11.59
CA TRP B 176 -31.06 -5.52 -10.75
C TRP B 176 -31.55 -6.75 -9.95
N ASP B 177 -31.80 -6.60 -8.63
CA ASP B 177 -32.19 -7.75 -7.79
C ASP B 177 -33.05 -7.09 -6.69
N SER B 178 -34.37 -7.28 -6.81
N SER B 178 -34.37 -7.25 -6.77
CA SER B 178 -35.38 -6.78 -5.86
CA SER B 178 -35.26 -6.63 -5.78
C SER B 178 -35.13 -7.24 -4.43
C SER B 178 -35.20 -7.27 -4.41
N ASN B 179 -34.48 -8.39 -4.26
CA ASN B 179 -34.22 -8.92 -2.92
C ASN B 179 -33.28 -8.02 -2.13
N ILE B 180 -32.50 -7.16 -2.80
CA ILE B 180 -31.61 -6.23 -2.08
C ILE B 180 -32.42 -5.36 -1.08
N PHE B 181 -33.67 -5.10 -1.36
CA PHE B 181 -34.51 -4.21 -0.52
C PHE B 181 -35.29 -4.95 0.48
N ASP B 182 -35.15 -6.32 0.46
CA ASP B 182 -35.91 -7.22 1.31
C ASP B 182 -35.00 -7.84 2.37
N PHE B 183 -35.10 -7.32 3.58
CA PHE B 183 -34.14 -7.72 4.59
C PHE B 183 -34.52 -9.01 5.28
N THR B 184 -35.51 -9.73 4.71
CA THR B 184 -35.70 -11.15 5.04
C THR B 184 -34.84 -12.04 4.14
N THR B 185 -34.07 -11.50 3.22
CA THR B 185 -33.14 -12.22 2.40
C THR B 185 -31.67 -12.12 2.78
N TYR B 186 -31.38 -11.56 3.95
CA TYR B 186 -30.01 -11.35 4.38
C TYR B 186 -29.61 -12.28 5.52
N GLY B 187 -28.50 -12.95 5.31
CA GLY B 187 -27.96 -13.80 6.37
C GLY B 187 -27.17 -13.05 7.41
N LEU B 188 -26.50 -11.98 6.99
CA LEU B 188 -25.62 -11.19 7.88
C LEU B 188 -25.90 -9.71 7.53
N PHE B 189 -26.06 -8.91 8.59
CA PHE B 189 -26.31 -7.47 8.44
C PHE B 189 -25.63 -6.79 9.63
N SER B 190 -24.84 -5.74 9.33
CA SER B 190 -24.34 -4.85 10.36
C SER B 190 -24.37 -3.38 9.94
N SER B 191 -24.87 -2.51 10.83
CA SER B 191 -24.67 -1.07 10.66
C SER B 191 -23.33 -0.55 11.11
N ASP B 192 -22.40 -1.42 11.46
CA ASP B 192 -21.02 -1.09 11.64
C ASP B 192 -20.13 -1.98 10.88
N LYS B 193 -19.24 -2.80 11.46
CA LYS B 193 -18.33 -3.59 10.76
C LYS B 193 -18.77 -5.05 10.87
N ILE B 194 -18.29 -5.86 9.94
CA ILE B 194 -18.29 -7.28 10.07
C ILE B 194 -16.89 -7.79 10.07
N ILE B 195 -16.52 -8.47 11.15
CA ILE B 195 -15.13 -8.97 11.33
C ILE B 195 -15.16 -10.47 11.55
N PHE B 196 -14.72 -11.19 10.51
CA PHE B 196 -14.68 -12.59 10.45
C PHE B 196 -13.45 -13.11 11.24
N ASN B 197 -13.12 -14.38 11.05
CA ASN B 197 -12.01 -15.04 11.79
C ASN B 197 -11.54 -16.12 10.89
N ASN B 198 -10.46 -16.81 11.24
CA ASN B 198 -9.85 -17.74 10.31
C ASN B 198 -10.77 -18.93 10.02
N ASN B 199 -10.82 -19.31 8.78
CA ASN B 199 -11.54 -20.55 8.34
C ASN B 199 -13.02 -20.46 8.73
N ILE B 200 -13.62 -19.34 8.36
CA ILE B 200 -15.09 -19.24 8.46
C ILE B 200 -15.59 -19.39 7.01
N THR B 201 -16.62 -20.22 6.79
CA THR B 201 -17.24 -20.37 5.52
C THR B 201 -18.65 -19.77 5.70
N VAL B 202 -18.99 -18.87 4.79
CA VAL B 202 -20.25 -18.16 4.83
C VAL B 202 -21.00 -18.50 3.54
N THR B 203 -22.21 -19.03 3.72
CA THR B 203 -23.12 -19.29 2.59
C THR B 203 -24.34 -18.45 2.89
N THR B 204 -24.55 -17.47 2.04
CA THR B 204 -25.68 -16.63 2.27
C THR B 204 -26.38 -16.21 0.98
N ARG B 205 -27.54 -15.58 1.08
N ARG B 205 -27.44 -15.53 1.21
CA ARG B 205 -28.10 -14.89 -0.07
CA ARG B 205 -28.23 -14.95 0.25
C ARG B 205 -27.44 -13.51 0.05
C ARG B 205 -27.61 -13.54 -0.01
N ASN B 206 -28.00 -12.62 0.84
CA ASN B 206 -27.51 -11.20 0.85
C ASN B 206 -26.78 -10.89 2.14
N MET B 207 -25.77 -10.02 2.01
CA MET B 207 -24.98 -9.58 3.17
C MET B 207 -24.80 -8.07 3.03
N TYR B 208 -25.00 -7.35 4.13
CA TYR B 208 -24.83 -5.89 4.14
C TYR B 208 -23.93 -5.50 5.35
N SER B 209 -23.04 -4.56 5.13
CA SER B 209 -22.34 -3.94 6.26
C SER B 209 -22.23 -2.44 5.94
N SER B 210 -22.21 -1.56 6.97
CA SER B 210 -22.05 -0.12 6.68
C SER B 210 -20.56 0.18 6.59
N SER B 211 -19.79 -0.09 7.68
N SER B 211 -19.82 -0.14 7.65
CA SER B 211 -18.35 0.01 7.60
CA SER B 211 -18.37 -0.03 7.64
C SER B 211 -17.73 -1.31 7.10
C SER B 211 -17.73 -1.30 7.07
N ASP B 212 -16.43 -1.46 7.23
CA ASP B 212 -15.68 -2.44 6.50
C ASP B 212 -16.09 -3.89 6.84
N ILE B 213 -16.00 -4.74 5.84
CA ILE B 213 -16.04 -6.15 6.08
C ILE B 213 -14.62 -6.70 5.98
N THR B 214 -14.14 -7.33 7.04
CA THR B 214 -12.80 -7.85 7.01
C THR B 214 -12.81 -9.35 7.17
N LEU B 215 -12.29 -10.01 6.17
CA LEU B 215 -11.95 -11.40 6.20
C LEU B 215 -10.60 -11.66 6.89
N ARG B 216 -10.49 -12.79 7.57
CA ARG B 216 -9.15 -13.29 8.00
C ARG B 216 -8.69 -14.40 7.17
N SER B 217 -7.37 -14.61 7.14
CA SER B 217 -6.79 -15.61 6.26
C SER B 217 -7.30 -17.04 6.56
N ASP B 218 -7.38 -17.82 5.49
CA ASP B 218 -7.71 -19.21 5.63
C ASP B 218 -6.46 -20.09 5.56
N ASN B 219 -6.47 -21.20 6.28
CA ASN B 219 -5.38 -22.23 6.09
C ASN B 219 -6.03 -23.61 6.11
N ASN B 220 -5.91 -24.37 5.04
CA ASN B 220 -6.63 -25.64 4.90
C ASN B 220 -8.10 -25.47 5.33
N ARG B 221 -8.80 -24.56 4.64
CA ARG B 221 -10.24 -24.34 4.85
C ARG B 221 -11.00 -25.58 4.34
N PRO B 222 -11.96 -26.09 5.13
CA PRO B 222 -12.74 -27.27 4.68
C PRO B 222 -13.72 -26.95 3.52
N GLY B 223 -14.42 -25.79 3.63
CA GLY B 223 -15.38 -25.32 2.62
C GLY B 223 -14.75 -25.11 1.25
N ASP B 224 -15.58 -25.04 0.21
CA ASP B 224 -15.06 -24.77 -1.13
C ASP B 224 -14.82 -23.27 -1.36
N TYR B 225 -15.21 -22.43 -0.38
CA TYR B 225 -15.15 -20.96 -0.52
C TYR B 225 -15.14 -20.36 0.85
N THR B 226 -14.72 -19.11 0.95
CA THR B 226 -14.85 -18.44 2.19
C THR B 226 -16.25 -17.80 2.26
N ILE B 227 -16.65 -17.10 1.22
CA ILE B 227 -18.00 -16.54 1.15
C ILE B 227 -18.60 -16.89 -0.19
N LYS B 228 -19.87 -17.35 -0.16
CA LYS B 228 -20.70 -17.39 -1.35
C LYS B 228 -21.98 -16.60 -1.06
N ALA B 229 -22.30 -15.69 -1.94
CA ALA B 229 -23.49 -14.81 -1.78
C ALA B 229 -24.06 -14.46 -3.11
N ASP B 230 -25.38 -14.10 -3.08
CA ASP B 230 -25.98 -13.40 -4.19
C ASP B 230 -25.44 -11.94 -4.36
N ASN B 231 -25.49 -11.21 -3.24
CA ASN B 231 -25.05 -9.82 -3.20
C ASN B 231 -24.32 -9.56 -1.91
N ILE B 232 -23.29 -8.70 -2.04
CA ILE B 232 -22.54 -8.21 -0.88
C ILE B 232 -22.53 -6.69 -1.06
N ILE B 233 -22.96 -5.95 -0.03
CA ILE B 233 -23.05 -4.47 -0.08
C ILE B 233 -22.36 -3.88 1.14
N VAL B 234 -21.33 -3.04 0.89
CA VAL B 234 -20.60 -2.37 1.99
C VAL B 234 -20.82 -0.85 1.72
N LYS B 235 -21.82 -0.29 2.35
CA LYS B 235 -22.42 0.99 2.03
C LYS B 235 -21.45 2.16 2.32
N ASN B 236 -20.63 2.03 3.33
N ASN B 236 -20.63 2.02 3.34
CA ASN B 236 -19.78 3.14 3.79
CA ASN B 236 -19.75 3.10 3.80
C ASN B 236 -18.40 2.59 4.20
C ASN B 236 -18.42 2.56 4.22
N GLY B 237 -17.88 1.66 3.43
CA GLY B 237 -16.76 0.86 3.80
C GLY B 237 -16.11 0.13 2.68
N SER B 238 -15.11 -0.59 3.04
N SER B 238 -15.09 -0.59 3.01
CA SER B 238 -14.34 -1.43 2.13
CA SER B 238 -14.38 -1.43 2.05
C SER B 238 -14.71 -2.91 2.34
C SER B 238 -14.63 -2.92 2.36
N PHE B 239 -14.30 -3.77 1.39
CA PHE B 239 -14.22 -5.23 1.59
C PHE B 239 -12.75 -5.62 1.58
N ILE B 240 -12.29 -6.25 2.65
CA ILE B 240 -10.89 -6.52 2.83
C ILE B 240 -10.62 -8.03 2.90
N PHE B 241 -9.87 -8.51 1.96
CA PHE B 241 -9.45 -9.91 1.97
C PHE B 241 -8.20 -10.07 2.90
N GLY B 242 -8.09 -11.25 3.54
CA GLY B 242 -7.05 -11.57 4.56
C GLY B 242 -5.95 -12.43 4.11
N GLY B 243 -6.21 -13.26 3.10
CA GLY B 243 -5.21 -14.16 2.52
C GLY B 243 -5.84 -15.57 2.30
N ASN B 244 -5.61 -16.15 1.14
N ASN B 244 -5.58 -16.15 1.14
CA ASN B 244 -6.06 -17.50 0.84
CA ASN B 244 -6.10 -17.47 0.78
C ASN B 244 -7.59 -17.61 0.68
C ASN B 244 -7.62 -17.55 1.04
N ASN B 245 -8.30 -16.47 0.69
CA ASN B 245 -9.76 -16.44 0.77
C ASN B 245 -10.37 -16.54 -0.62
N LYS B 246 -11.55 -17.15 -0.68
CA LYS B 246 -12.21 -17.29 -1.95
C LYS B 246 -13.65 -16.79 -1.78
N VAL B 247 -14.02 -15.85 -2.64
CA VAL B 247 -15.33 -15.15 -2.48
C VAL B 247 -16.03 -15.22 -3.82
N VAL B 248 -17.26 -15.73 -3.82
CA VAL B 248 -18.06 -15.90 -5.02
C VAL B 248 -19.36 -15.06 -4.86
N VAL B 249 -19.60 -14.08 -5.72
CA VAL B 249 -20.78 -13.19 -5.62
C VAL B 249 -21.49 -13.31 -6.96
N ASN B 250 -22.67 -13.94 -6.95
N ASN B 250 -22.67 -13.91 -6.95
CA ASN B 250 -23.36 -14.22 -8.19
CA ASN B 250 -23.34 -14.23 -8.19
C ASN B 250 -23.90 -12.97 -8.86
C ASN B 250 -24.02 -13.04 -8.85
N ASN B 251 -24.47 -12.04 -8.07
CA ASN B 251 -25.10 -10.85 -8.70
C ASN B 251 -24.20 -9.61 -8.52
N LEU B 252 -24.36 -8.86 -7.46
CA LEU B 252 -23.46 -7.69 -7.30
C LEU B 252 -22.68 -7.63 -5.97
N MET B 253 -21.44 -7.13 -6.09
CA MET B 253 -20.64 -6.76 -4.93
C MET B 253 -20.43 -5.26 -5.16
N TYR B 254 -20.87 -4.49 -4.16
CA TYR B 254 -20.71 -3.01 -4.12
C TYR B 254 -19.98 -2.63 -2.86
N THR B 255 -18.99 -1.74 -3.03
CA THR B 255 -18.35 -1.11 -1.85
C THR B 255 -18.13 0.38 -2.11
N LYS B 256 -18.25 1.19 -1.06
CA LYS B 256 -17.93 2.63 -1.23
C LYS B 256 -16.46 2.85 -1.22
N ASN B 257 -15.69 2.21 -0.32
CA ASN B 257 -14.33 2.61 -0.11
C ASN B 257 -13.23 1.71 -0.63
N GLY B 258 -13.59 0.76 -1.46
CA GLY B 258 -12.66 -0.04 -2.18
C GLY B 258 -12.72 -1.52 -1.84
N ILE B 259 -11.90 -2.28 -2.55
CA ILE B 259 -11.76 -3.68 -2.27
C ILE B 259 -10.31 -3.98 -2.16
N THR B 260 -9.90 -4.39 -0.97
CA THR B 260 -8.46 -4.48 -0.64
C THR B 260 -8.05 -5.91 -0.43
N PHE B 261 -7.12 -6.38 -1.20
CA PHE B 261 -6.59 -7.76 -1.08
C PHE B 261 -5.28 -7.66 -0.23
N ASN B 262 -5.30 -8.38 0.90
CA ASN B 262 -4.12 -8.60 1.73
C ASN B 262 -3.78 -10.06 1.73
N GLY B 263 -2.49 -10.35 1.84
CA GLY B 263 -2.09 -11.69 2.27
C GLY B 263 -1.93 -12.70 1.19
N ASN B 264 -2.18 -12.31 -0.06
CA ASN B 264 -1.97 -13.14 -1.21
C ASN B 264 -2.95 -14.37 -1.35
N ASN B 265 -2.92 -14.93 -2.52
CA ASN B 265 -3.63 -16.18 -2.86
C ASN B 265 -5.15 -16.12 -2.68
N ASN B 266 -5.73 -14.95 -2.94
CA ASN B 266 -7.16 -14.74 -2.74
C ASN B 266 -7.78 -14.88 -4.12
N ARG B 267 -9.10 -15.11 -4.10
CA ARG B 267 -9.84 -15.19 -5.33
C ARG B 267 -11.25 -14.56 -5.18
N LEU B 268 -11.60 -13.77 -6.15
CA LEU B 268 -12.91 -13.13 -6.20
C LEU B 268 -13.54 -13.45 -7.54
N GLU B 269 -14.68 -14.15 -7.49
CA GLU B 269 -15.46 -14.38 -8.71
C GLU B 269 -16.73 -13.54 -8.64
N SER B 270 -16.94 -12.67 -9.62
CA SER B 270 -18.11 -11.81 -9.68
C SER B 270 -18.82 -12.09 -11.00
N ASN B 271 -19.97 -12.76 -10.89
CA ASN B 271 -20.68 -13.23 -12.09
C ASN B 271 -21.56 -12.25 -12.79
N SER B 272 -21.84 -11.07 -12.24
CA SER B 272 -22.56 -10.09 -12.99
C SER B 272 -21.95 -8.67 -12.85
N LEU B 273 -21.83 -8.16 -11.61
CA LEU B 273 -21.46 -6.75 -11.41
C LEU B 273 -20.61 -6.59 -10.16
N LEU B 274 -19.45 -5.98 -10.38
CA LEU B 274 -18.53 -5.60 -9.31
C LEU B 274 -18.44 -4.09 -9.39
N PHE B 275 -18.74 -3.36 -8.30
CA PHE B 275 -18.79 -1.90 -8.41
C PHE B 275 -18.17 -1.34 -7.18
N SER B 276 -17.18 -0.46 -7.35
CA SER B 276 -16.67 0.21 -6.10
C SER B 276 -16.52 1.67 -6.42
N ASP B 277 -16.80 2.53 -5.44
CA ASP B 277 -16.49 3.97 -5.63
C ASP B 277 -14.99 4.21 -5.36
N GLY B 278 -14.24 3.24 -4.86
CA GLY B 278 -12.83 3.40 -4.50
C GLY B 278 -11.90 2.51 -5.27
N THR B 279 -10.83 2.14 -4.61
CA THR B 279 -9.75 1.41 -5.27
C THR B 279 -9.83 -0.10 -5.02
N ILE B 280 -9.62 -0.90 -6.09
CA ILE B 280 -9.52 -2.32 -6.00
C ILE B 280 -8.06 -2.59 -6.10
N SER B 281 -7.49 -3.16 -5.06
CA SER B 281 -6.00 -3.30 -5.01
C SER B 281 -5.54 -4.73 -4.74
N LEU B 282 -4.89 -5.33 -5.71
CA LEU B 282 -4.38 -6.68 -5.57
C LEU B 282 -3.05 -6.71 -4.78
N SER B 283 -2.76 -7.86 -4.15
CA SER B 283 -1.59 -8.03 -3.25
C SER B 283 -0.48 -8.95 -3.78
N GLY B 284 -0.77 -9.67 -4.83
CA GLY B 284 0.09 -10.76 -5.29
C GLY B 284 -0.60 -12.12 -5.21
N LYS B 285 -0.52 -12.84 -6.30
CA LYS B 285 -1.09 -14.19 -6.36
C LYS B 285 -2.61 -14.13 -6.11
N ASP B 286 -3.18 -12.99 -6.50
CA ASP B 286 -4.62 -12.77 -6.29
C ASP B 286 -5.26 -12.83 -7.64
N GLU B 287 -6.52 -13.28 -7.67
CA GLU B 287 -7.23 -13.41 -8.92
C GLU B 287 -8.69 -12.79 -8.79
N ILE B 288 -9.07 -12.05 -9.80
CA ILE B 288 -10.44 -11.57 -9.97
C ILE B 288 -10.93 -12.07 -11.33
N VAL B 289 -12.09 -12.68 -11.32
CA VAL B 289 -12.85 -12.95 -12.54
C VAL B 289 -14.11 -12.16 -12.49
N ALA B 290 -14.25 -11.27 -13.40
CA ALA B 290 -15.35 -10.36 -13.42
C ALA B 290 -16.05 -10.38 -14.71
N ASN B 291 -17.29 -9.89 -14.66
N ASN B 291 -17.32 -9.98 -14.66
CA ASN B 291 -18.15 -9.68 -15.81
CA ASN B 291 -18.07 -9.69 -15.87
C ASN B 291 -18.16 -8.20 -16.20
C ASN B 291 -18.01 -8.18 -16.08
N ALA B 292 -18.91 -7.39 -15.46
CA ALA B 292 -18.85 -5.88 -15.55
C ALA B 292 -18.24 -5.38 -14.24
N LEU B 293 -17.26 -4.49 -14.40
CA LEU B 293 -16.51 -3.98 -13.21
C LEU B 293 -16.41 -2.48 -13.39
N PHE B 294 -16.79 -1.75 -12.32
CA PHE B 294 -16.75 -0.30 -12.25
C PHE B 294 -15.92 -0.01 -11.01
N CYS B 295 -14.90 0.85 -11.12
CA CYS B 295 -14.18 1.27 -9.95
C CYS B 295 -13.54 2.63 -10.16
N ASP B 296 -13.09 3.26 -9.08
CA ASP B 296 -12.23 4.47 -9.25
C ASP B 296 -10.86 4.05 -9.82
N THR B 297 -10.13 3.26 -9.07
CA THR B 297 -8.83 2.80 -9.50
C THR B 297 -8.80 1.27 -9.38
N LEU B 298 -8.25 0.64 -10.43
CA LEU B 298 -7.91 -0.75 -10.39
C LEU B 298 -6.38 -0.90 -10.36
N ASP B 299 -5.89 -1.41 -9.26
CA ASP B 299 -4.43 -1.48 -8.97
C ASP B 299 -3.97 -2.92 -9.05
N ILE B 300 -3.12 -3.22 -10.04
CA ILE B 300 -2.42 -4.45 -10.13
C ILE B 300 -0.91 -4.10 -10.01
N ARG B 301 -0.51 -3.81 -8.77
CA ARG B 301 0.83 -3.25 -8.49
C ARG B 301 1.61 -3.85 -7.38
N ASN B 302 1.01 -4.67 -6.57
CA ASN B 302 1.69 -5.32 -5.51
C ASN B 302 2.06 -6.76 -5.88
N GLY B 303 3.26 -7.20 -5.47
CA GLY B 303 3.66 -8.60 -5.65
C GLY B 303 3.74 -9.00 -7.11
N SER B 304 3.48 -10.27 -7.40
CA SER B 304 3.50 -10.78 -8.74
C SER B 304 2.43 -11.86 -8.86
N SER B 305 2.25 -12.30 -10.07
CA SER B 305 1.37 -13.46 -10.39
C SER B 305 -0.09 -13.22 -9.97
N ASN B 306 -0.53 -11.98 -10.15
CA ASN B 306 -1.96 -11.62 -10.07
C ASN B 306 -2.63 -11.93 -11.40
N LEU B 307 -3.96 -12.05 -11.35
CA LEU B 307 -4.67 -12.17 -12.59
C LEU B 307 -6.05 -11.50 -12.50
N VAL B 308 -6.33 -10.58 -13.39
CA VAL B 308 -7.68 -9.99 -13.51
C VAL B 308 -8.16 -10.31 -14.88
N THR B 309 -9.24 -11.07 -14.92
CA THR B 309 -9.89 -11.43 -16.17
C THR B 309 -11.26 -10.74 -16.28
N ILE B 310 -11.48 -10.07 -17.39
CA ILE B 310 -12.68 -9.31 -17.72
C ILE B 310 -13.47 -9.99 -18.83
N ASN B 311 -14.69 -10.38 -18.51
CA ASN B 311 -15.64 -10.98 -19.48
C ASN B 311 -16.46 -9.99 -20.25
N GLU B 312 -16.81 -8.84 -19.67
N GLU B 312 -16.83 -8.86 -19.64
CA GLU B 312 -17.60 -7.84 -20.38
CA GLU B 312 -17.67 -7.87 -20.29
C GLU B 312 -16.95 -6.47 -20.43
C GLU B 312 -16.94 -6.53 -20.39
N PHE B 313 -16.70 -5.83 -19.28
CA PHE B 313 -15.94 -4.59 -19.37
C PHE B 313 -15.41 -4.18 -18.01
N ALA B 314 -14.40 -3.34 -18.04
CA ALA B 314 -13.93 -2.66 -16.83
C ALA B 314 -13.95 -1.19 -17.15
N TYR B 315 -14.52 -0.39 -16.21
CA TYR B 315 -14.75 1.00 -16.35
C TYR B 315 -14.15 1.66 -15.13
N PHE B 316 -13.20 2.59 -15.35
CA PHE B 316 -12.30 3.06 -14.28
C PHE B 316 -11.88 4.53 -14.55
N ASN B 317 -11.51 5.20 -13.47
CA ASN B 317 -10.69 6.46 -13.60
C ASN B 317 -9.23 6.17 -13.80
N LYS B 318 -8.69 5.17 -13.12
CA LYS B 318 -7.30 4.78 -13.32
C LYS B 318 -7.12 3.29 -13.28
N LEU B 319 -6.29 2.81 -14.20
CA LEU B 319 -5.91 1.39 -14.28
C LEU B 319 -4.39 1.35 -14.24
N ASN B 320 -3.84 0.68 -13.25
CA ASN B 320 -2.43 0.52 -13.10
C ASN B 320 -2.05 -0.91 -13.29
N ILE B 321 -1.46 -1.26 -14.46
CA ILE B 321 -0.98 -2.62 -14.65
C ILE B 321 0.56 -2.60 -14.55
N TRP B 322 1.07 -2.77 -13.32
CA TRP B 322 2.49 -2.70 -13.06
C TRP B 322 3.15 -4.07 -12.75
N THR B 323 2.36 -5.15 -12.79
CA THR B 323 2.88 -6.47 -12.79
C THR B 323 1.87 -7.32 -13.53
N ASP B 324 2.16 -8.62 -13.60
N ASP B 324 2.12 -8.61 -13.57
CA ASP B 324 1.32 -9.65 -14.21
CA ASP B 324 1.30 -9.52 -14.33
C ASP B 324 0.02 -9.62 -13.43
C ASP B 324 0.05 -9.80 -13.48
N LYS B 325 -1.16 -9.73 -14.05
CA LYS B 325 -1.48 -9.54 -15.44
C LYS B 325 -3.04 -9.24 -15.56
N MET B 326 -3.46 -8.62 -16.63
CA MET B 326 -4.88 -8.43 -17.02
C MET B 326 -5.18 -9.12 -18.34
N VAL B 327 -6.29 -9.87 -18.36
CA VAL B 327 -6.83 -10.52 -19.59
C VAL B 327 -8.19 -9.98 -19.94
N LEU B 328 -8.33 -9.51 -21.16
CA LEU B 328 -9.62 -9.18 -21.73
C LEU B 328 -10.15 -10.34 -22.60
N LYS B 329 -11.24 -10.94 -22.16
CA LYS B 329 -11.87 -12.03 -22.94
C LYS B 329 -12.53 -11.51 -24.17
N SER B 330 -12.85 -12.44 -25.06
N SER B 330 -12.89 -12.44 -25.07
CA SER B 330 -13.42 -12.08 -26.34
CA SER B 330 -13.40 -11.99 -26.35
C SER B 330 -14.56 -11.04 -26.29
C SER B 330 -14.54 -11.00 -26.27
N ASN B 331 -14.47 -10.00 -27.15
CA ASN B 331 -15.49 -8.97 -27.27
C ASN B 331 -15.60 -8.01 -26.01
N SER B 332 -14.70 -8.14 -25.07
CA SER B 332 -14.71 -7.25 -23.86
C SER B 332 -14.11 -5.92 -24.12
N LYS B 333 -14.35 -4.97 -23.19
CA LYS B 333 -13.91 -3.58 -23.38
C LYS B 333 -13.33 -3.00 -22.12
N LEU B 334 -12.38 -2.09 -22.31
CA LEU B 334 -11.92 -1.22 -21.28
C LEU B 334 -12.43 0.17 -21.51
N PHE B 335 -12.90 0.84 -20.43
CA PHE B 335 -13.41 2.23 -20.49
C PHE B 335 -12.67 3.08 -19.44
N GLY B 336 -11.62 3.79 -19.87
CA GLY B 336 -10.93 4.73 -18.97
C GLY B 336 -11.38 6.15 -19.29
N GLY B 337 -10.86 7.12 -18.56
CA GLY B 337 -9.86 6.99 -17.57
C GLY B 337 -8.46 6.85 -18.11
N ASP B 338 -7.48 6.83 -17.24
CA ASP B 338 -6.06 6.69 -17.66
C ASP B 338 -5.58 5.29 -17.37
N ILE B 339 -4.70 4.79 -18.25
CA ILE B 339 -4.09 3.49 -18.11
C ILE B 339 -2.59 3.63 -18.05
N GLU B 340 -1.92 2.98 -17.10
CA GLU B 340 -0.48 3.03 -16.99
C GLU B 340 0.04 1.60 -16.83
N ILE B 341 0.95 1.24 -17.74
CA ILE B 341 1.54 -0.05 -17.75
C ILE B 341 3.03 0.14 -17.61
N ARG B 342 3.60 -0.43 -16.57
CA ARG B 342 5.05 -0.37 -16.37
C ARG B 342 5.60 -1.64 -15.76
N ASN B 343 6.92 -1.64 -15.42
CA ASN B 343 7.58 -2.85 -14.88
C ASN B 343 7.24 -4.04 -15.76
N ASP B 344 6.82 -5.18 -15.18
CA ASP B 344 6.45 -6.30 -15.99
C ASP B 344 4.95 -6.42 -16.25
N GLY B 345 4.21 -5.31 -16.14
CA GLY B 345 2.80 -5.34 -16.49
C GLY B 345 2.51 -5.87 -17.85
N ILE B 346 1.39 -6.61 -17.96
CA ILE B 346 0.94 -7.21 -19.21
C ILE B 346 -0.58 -7.04 -19.26
N LEU B 347 -1.02 -6.47 -20.32
CA LEU B 347 -2.35 -6.50 -20.77
C LEU B 347 -2.45 -7.44 -21.99
N SER B 348 -3.19 -8.53 -21.79
N SER B 348 -3.21 -8.51 -21.82
CA SER B 348 -3.54 -9.46 -22.87
CA SER B 348 -3.48 -9.49 -22.89
C SER B 348 -4.99 -9.28 -23.31
C SER B 348 -4.95 -9.53 -23.29
N ALA B 349 -5.25 -9.50 -24.58
CA ALA B 349 -6.62 -9.41 -25.03
C ALA B 349 -6.97 -10.28 -26.21
N ASP B 350 -8.20 -10.73 -26.18
CA ASP B 350 -8.67 -11.70 -27.18
C ASP B 350 -9.37 -10.99 -28.31
N VAL B 351 -9.91 -11.77 -29.24
N VAL B 351 -9.90 -11.75 -29.25
CA VAL B 351 -10.56 -11.17 -30.41
CA VAL B 351 -10.56 -11.19 -30.43
C VAL B 351 -11.76 -10.24 -30.09
C VAL B 351 -11.76 -10.27 -30.10
N GLY B 352 -11.91 -9.19 -30.87
CA GLY B 352 -13.10 -8.37 -30.81
C GLY B 352 -13.03 -7.33 -29.63
N THR B 353 -11.89 -7.29 -28.97
CA THR B 353 -11.70 -6.38 -27.75
C THR B 353 -11.36 -4.96 -28.18
N VAL B 354 -11.75 -3.98 -27.34
CA VAL B 354 -11.60 -2.59 -27.64
C VAL B 354 -11.21 -1.90 -26.33
N VAL B 355 -10.21 -1.02 -26.42
CA VAL B 355 -9.77 -0.28 -25.26
C VAL B 355 -10.05 1.19 -25.55
N TYR B 356 -10.68 1.90 -24.59
CA TYR B 356 -10.87 3.33 -24.69
C TYR B 356 -10.21 3.99 -23.50
N ALA B 357 -9.40 5.01 -23.75
CA ALA B 357 -8.68 5.66 -22.66
C ALA B 357 -8.55 7.18 -22.96
N ASN B 358 -8.34 7.94 -21.88
CA ASN B 358 -7.82 9.33 -22.03
C ASN B 358 -6.28 9.21 -22.26
N ASN B 359 -5.52 8.97 -21.22
N ASN B 359 -5.52 8.90 -21.22
CA ASN B 359 -4.10 8.78 -21.41
CA ASN B 359 -4.11 8.77 -21.38
C ASN B 359 -3.82 7.29 -21.36
C ASN B 359 -3.70 7.33 -21.26
N LEU B 360 -2.95 6.85 -22.25
CA LEU B 360 -2.34 5.51 -22.14
C LEU B 360 -0.85 5.68 -22.06
N ASP B 361 -0.26 5.19 -21.01
CA ASP B 361 1.17 5.31 -20.73
C ASP B 361 1.77 3.93 -20.67
N ILE B 362 2.85 3.68 -21.46
CA ILE B 362 3.48 2.39 -21.50
C ILE B 362 4.96 2.62 -21.34
N ILE B 363 5.53 2.10 -20.28
CA ILE B 363 6.85 2.47 -19.86
C ILE B 363 7.71 1.24 -19.65
N GLY B 364 8.80 1.15 -20.41
CA GLY B 364 9.83 0.09 -20.14
C GLY B 364 9.79 -1.06 -21.08
N SER B 365 10.90 -1.81 -21.16
CA SER B 365 11.02 -2.83 -22.13
C SER B 365 10.25 -4.11 -21.77
N SER B 366 9.75 -4.19 -20.55
CA SER B 366 8.93 -5.33 -20.10
C SER B 366 7.40 -5.07 -20.18
N ALA B 367 7.03 -3.82 -20.40
CA ALA B 367 5.63 -3.41 -20.42
C ALA B 367 4.99 -3.86 -21.68
N THR B 368 3.88 -4.59 -21.58
CA THR B 368 3.38 -5.32 -22.73
C THR B 368 1.91 -5.13 -22.96
N ILE B 369 1.52 -4.89 -24.20
CA ILE B 369 0.16 -5.11 -24.59
C ILE B 369 0.23 -6.17 -25.66
N ASP B 370 -0.37 -7.34 -25.36
CA ASP B 370 -0.51 -8.49 -26.32
C ASP B 370 -1.96 -8.67 -26.76
N ALA B 371 -2.32 -8.04 -27.86
CA ALA B 371 -3.67 -7.73 -28.20
C ALA B 371 -3.80 -7.55 -29.68
N PRO B 372 -3.49 -8.63 -30.46
CA PRO B 372 -3.33 -8.37 -31.91
C PRO B 372 -4.57 -8.02 -32.70
N ASP B 373 -5.79 -8.36 -32.24
CA ASP B 373 -7.00 -7.93 -32.87
C ASP B 373 -7.65 -6.67 -32.25
N THR B 374 -6.98 -6.06 -31.29
CA THR B 374 -7.57 -4.98 -30.48
C THR B 374 -7.38 -3.61 -31.08
N VAL B 375 -8.44 -2.82 -31.01
CA VAL B 375 -8.36 -1.46 -31.37
C VAL B 375 -8.24 -0.67 -30.07
N LEU B 376 -7.21 0.19 -29.99
CA LEU B 376 -7.09 1.17 -28.88
C LEU B 376 -7.36 2.61 -29.25
N TYR B 377 -8.33 3.25 -28.58
CA TYR B 377 -8.67 4.62 -28.78
C TYR B 377 -8.17 5.40 -27.60
N CYS B 378 -7.35 6.45 -27.83
CA CYS B 378 -6.86 7.20 -26.68
C CYS B 378 -6.73 8.64 -27.06
N ASN B 379 -6.71 9.48 -26.05
CA ASN B 379 -6.53 10.93 -26.31
C ASN B 379 -4.99 11.23 -26.37
N ASN B 380 -4.27 10.85 -25.35
CA ASN B 380 -2.80 10.87 -25.41
C ASN B 380 -2.16 9.52 -25.25
N LEU B 381 -1.09 9.27 -26.02
CA LEU B 381 -0.31 8.03 -25.89
C LEU B 381 1.12 8.35 -25.54
N LYS B 382 1.61 7.79 -24.45
N LYS B 382 1.64 7.71 -24.49
CA LYS B 382 2.99 7.90 -24.09
CA LYS B 382 2.99 7.90 -24.09
C LYS B 382 3.67 6.53 -24.17
C LYS B 382 3.79 6.58 -24.00
N ILE B 383 4.83 6.51 -24.86
CA ILE B 383 5.73 5.34 -24.95
C ILE B 383 7.09 5.77 -24.46
N ASP B 384 7.60 5.06 -23.48
CA ASP B 384 8.93 5.33 -22.99
C ASP B 384 9.72 4.05 -22.95
N GLY B 385 10.74 3.89 -23.81
CA GLY B 385 11.53 2.66 -23.80
C GLY B 385 11.03 1.72 -24.83
N GLU B 386 11.73 0.57 -24.97
CA GLU B 386 11.41 -0.39 -26.02
C GLU B 386 10.26 -1.34 -25.62
N VAL B 387 9.07 -0.79 -25.62
CA VAL B 387 7.91 -1.49 -25.10
C VAL B 387 7.49 -2.58 -26.09
N LYS B 388 6.71 -3.51 -25.54
CA LYS B 388 6.16 -4.59 -26.36
C LYS B 388 4.70 -4.31 -26.62
N LEU B 389 4.38 -3.86 -27.82
CA LEU B 389 3.00 -3.56 -28.24
C LEU B 389 2.67 -4.42 -29.41
N ASN B 390 1.58 -5.20 -29.33
CA ASN B 390 1.12 -5.98 -30.45
C ASN B 390 -0.38 -5.85 -30.56
N VAL B 391 -0.84 -4.95 -31.44
CA VAL B 391 -2.22 -4.52 -31.60
C VAL B 391 -2.65 -4.36 -32.99
N LYS B 392 -3.95 -4.16 -33.20
CA LYS B 392 -4.45 -3.96 -34.55
C LYS B 392 -4.43 -2.51 -34.99
N LYS B 393 -5.05 -1.63 -34.20
CA LYS B 393 -5.07 -0.26 -34.58
C LYS B 393 -4.97 0.58 -33.33
N ILE B 394 -4.33 1.72 -33.44
CA ILE B 394 -4.31 2.73 -32.36
C ILE B 394 -4.83 4.00 -32.96
N VAL B 395 -5.84 4.59 -32.32
CA VAL B 395 -6.39 5.86 -32.71
C VAL B 395 -6.06 6.87 -31.60
N CYS B 396 -5.44 7.99 -31.96
CA CYS B 396 -4.99 9.00 -30.94
C CYS B 396 -5.50 10.39 -31.37
N SER B 397 -6.41 10.95 -30.61
CA SER B 397 -7.02 12.25 -30.92
C SER B 397 -6.23 13.45 -30.28
N GLY B 398 -5.22 13.19 -29.48
CA GLY B 398 -4.47 14.23 -28.71
C GLY B 398 -3.03 14.22 -29.18
N THR B 399 -2.12 13.79 -28.34
CA THR B 399 -0.67 13.86 -28.59
C THR B 399 -0.02 12.55 -28.26
N ILE B 400 0.85 12.04 -29.14
CA ILE B 400 1.74 10.95 -28.88
C ILE B 400 3.09 11.50 -28.41
N THR B 401 3.56 11.05 -27.27
CA THR B 401 4.90 11.37 -26.77
C THR B 401 5.73 10.11 -26.83
N ILE B 402 6.91 10.20 -27.45
CA ILE B 402 7.86 9.04 -27.54
C ILE B 402 9.19 9.44 -26.92
N SER B 403 9.78 8.52 -26.17
N SER B 403 9.72 8.59 -26.05
CA SER B 403 11.00 8.76 -25.42
CA SER B 403 11.06 8.77 -25.53
C SER B 403 11.79 7.46 -25.20
C SER B 403 11.78 7.43 -25.46
N ASN B 404 13.10 7.51 -25.43
CA ASN B 404 13.96 6.32 -25.26
C ASN B 404 13.56 5.19 -26.14
N LEU B 405 13.13 5.54 -27.34
CA LEU B 405 12.64 4.58 -28.30
C LEU B 405 13.54 4.71 -29.55
N ASN B 406 14.50 3.80 -29.68
CA ASN B 406 15.51 3.88 -30.74
C ASN B 406 15.27 2.99 -31.96
N SER B 407 14.68 1.82 -31.74
CA SER B 407 14.32 0.94 -32.82
C SER B 407 12.85 0.62 -32.95
N GLY B 408 12.16 0.48 -31.81
CA GLY B 408 10.79 0.07 -31.89
C GLY B 408 10.61 -1.38 -32.34
N THR B 409 11.60 -2.21 -32.04
CA THR B 409 11.57 -3.61 -32.54
C THR B 409 10.28 -4.34 -32.21
N ASN B 410 9.77 -4.05 -31.00
CA ASN B 410 8.63 -4.77 -30.47
C ASN B 410 7.29 -4.03 -30.54
N ILE B 411 7.18 -3.08 -31.45
CA ILE B 411 5.95 -2.38 -31.75
C ILE B 411 5.42 -2.91 -33.08
N ARG B 412 4.28 -3.58 -33.00
CA ARG B 412 3.60 -4.17 -34.14
C ARG B 412 2.18 -3.73 -34.10
N VAL B 413 1.75 -3.12 -35.19
CA VAL B 413 0.42 -2.61 -35.36
C VAL B 413 -0.01 -3.07 -36.72
N SER B 414 -0.95 -3.98 -36.82
CA SER B 414 -1.24 -4.53 -38.15
C SER B 414 -2.01 -3.61 -39.10
N ASP B 415 -2.76 -2.63 -38.59
CA ASP B 415 -3.51 -1.73 -39.46
C ASP B 415 -2.74 -0.41 -39.50
N LYS B 416 -2.90 0.42 -38.48
CA LYS B 416 -2.09 1.65 -38.42
C LYS B 416 -2.22 2.30 -37.05
N ILE B 417 -1.39 3.30 -36.86
CA ILE B 417 -1.55 4.27 -35.76
C ILE B 417 -2.11 5.53 -36.37
N GLU B 418 -3.39 5.71 -36.29
CA GLU B 418 -4.09 6.90 -36.85
C GLU B 418 -4.08 8.00 -35.82
N CYS B 419 -3.35 9.09 -36.09
CA CYS B 419 -3.13 10.13 -35.02
C CYS B 419 -3.37 11.54 -35.58
N ARG B 420 -3.83 12.43 -34.70
CA ARG B 420 -4.05 13.81 -35.08
C ARG B 420 -2.75 14.49 -35.62
N SER B 421 -1.63 14.10 -35.04
CA SER B 421 -0.34 14.73 -35.33
C SER B 421 0.74 13.72 -35.21
N ILE B 422 1.51 13.52 -36.29
CA ILE B 422 2.62 12.54 -36.16
C ILE B 422 3.72 13.13 -35.32
N PRO B 423 4.12 12.46 -34.25
CA PRO B 423 5.18 13.05 -33.43
C PRO B 423 6.59 12.93 -34.03
N GLN B 424 7.52 13.58 -33.33
N GLN B 424 7.59 13.59 -33.47
CA GLN B 424 8.94 13.53 -33.61
CA GLN B 424 8.88 13.78 -34.19
C GLN B 424 9.61 12.33 -32.93
C GLN B 424 9.92 12.64 -34.04
N ASN B 425 10.79 12.02 -33.47
N ASN B 425 9.89 11.92 -32.91
CA ASN B 425 11.67 10.98 -32.96
CA ASN B 425 10.99 11.03 -32.49
C ASN B 425 11.03 9.60 -33.10
C ASN B 425 10.97 9.60 -33.07
N ILE B 426 10.34 9.34 -34.20
CA ILE B 426 9.88 7.96 -34.47
C ILE B 426 11.03 7.18 -35.15
N PRO B 427 11.40 6.00 -34.64
CA PRO B 427 12.39 5.18 -35.39
C PRO B 427 11.94 4.85 -36.81
N SER B 428 12.90 4.78 -37.76
CA SER B 428 12.51 4.56 -39.16
C SER B 428 11.82 3.23 -39.37
N GLY B 429 12.21 2.24 -38.58
CA GLY B 429 11.65 0.89 -38.70
C GLY B 429 10.16 0.83 -38.44
N ILE B 430 9.61 1.80 -37.71
CA ILE B 430 8.14 1.85 -37.43
C ILE B 430 7.46 3.12 -37.93
N ARG B 431 8.19 4.00 -38.66
CA ARG B 431 7.54 5.19 -39.17
C ARG B 431 6.31 4.95 -40.07
N ASN B 432 6.38 3.87 -40.87
N ASN B 432 6.35 3.88 -40.87
CA ASN B 432 5.28 3.45 -41.76
CA ASN B 432 5.24 3.57 -41.77
C ASN B 432 3.94 3.30 -41.02
C ASN B 432 3.95 3.10 -41.08
N LEU B 433 4.00 2.85 -39.77
CA LEU B 433 2.78 2.51 -39.00
C LEU B 433 1.86 3.73 -38.78
N PHE B 434 2.43 4.94 -38.84
CA PHE B 434 1.75 6.21 -38.48
C PHE B 434 1.10 6.91 -39.66
N VAL B 435 -0.19 7.15 -39.54
CA VAL B 435 -1.01 7.84 -40.53
C VAL B 435 -1.60 9.07 -39.83
N GLN B 436 -1.29 10.23 -40.38
CA GLN B 436 -1.80 11.48 -39.80
C GLN B 436 -3.18 11.72 -40.33
N ASN B 437 -4.16 11.98 -39.43
CA ASN B 437 -5.49 12.44 -39.77
C ASN B 437 -5.82 13.51 -38.76
N PRO B 438 -5.63 14.78 -39.13
CA PRO B 438 -5.82 15.87 -38.17
C PRO B 438 -7.25 15.97 -37.63
N ASN B 439 -8.20 15.43 -38.36
CA ASN B 439 -9.55 15.47 -37.95
C ASN B 439 -10.02 14.22 -37.19
N VAL B 440 -9.11 13.34 -36.83
CA VAL B 440 -9.49 12.06 -36.22
C VAL B 440 -10.29 12.31 -34.92
N ASN B 441 -11.39 11.56 -34.71
CA ASN B 441 -12.22 11.77 -33.54
C ASN B 441 -12.81 10.42 -33.17
N PHE B 442 -13.22 10.27 -31.90
CA PHE B 442 -14.03 9.10 -31.47
C PHE B 442 -14.85 9.54 -30.28
N GLN B 443 -15.94 8.81 -30.02
CA GLN B 443 -16.81 9.06 -28.86
C GLN B 443 -16.86 7.73 -28.05
N ILE B 444 -16.59 7.82 -26.77
CA ILE B 444 -16.46 6.62 -25.89
C ILE B 444 -17.91 6.30 -25.45
N PRO B 445 -18.40 5.09 -25.71
CA PRO B 445 -19.74 4.66 -25.33
C PRO B 445 -19.69 4.14 -23.87
N TYR B 446 -19.51 5.08 -22.92
CA TYR B 446 -19.38 4.70 -21.53
C TYR B 446 -20.63 3.92 -21.10
N PRO B 447 -20.41 2.88 -20.42
CA PRO B 447 -21.62 2.21 -19.89
C PRO B 447 -22.46 3.04 -18.91
N THR B 448 -23.76 2.82 -18.96
CA THR B 448 -24.69 3.46 -18.01
C THR B 448 -24.42 2.94 -16.57
N ILE B 449 -24.56 3.83 -15.58
N ILE B 449 -24.56 3.82 -15.57
CA ILE B 449 -24.54 3.41 -14.15
CA ILE B 449 -24.50 3.37 -14.18
C ILE B 449 -25.80 2.51 -13.92
C ILE B 449 -25.77 2.54 -13.89
N PRO B 450 -25.62 1.30 -13.41
CA PRO B 450 -26.81 0.48 -13.20
C PRO B 450 -27.74 1.09 -12.19
N ALA B 451 -29.05 0.96 -12.45
CA ALA B 451 -30.12 1.47 -11.63
C ALA B 451 -29.93 0.89 -10.22
N ILE B 452 -29.53 -0.36 -10.13
CA ILE B 452 -29.44 -0.98 -8.77
C ILE B 452 -28.39 -0.25 -7.92
N ILE B 453 -27.32 0.16 -8.54
CA ILE B 453 -26.27 0.90 -7.86
C ILE B 453 -26.75 2.33 -7.46
N GLU B 454 -27.38 3.02 -8.35
CA GLU B 454 -27.99 4.27 -8.02
C GLU B 454 -28.88 4.15 -6.78
N GLU B 455 -29.68 3.09 -6.72
CA GLU B 455 -30.59 2.93 -5.56
C GLU B 455 -29.89 2.58 -4.25
N ILE B 456 -28.84 1.75 -4.32
CA ILE B 456 -28.05 1.39 -3.12
C ILE B 456 -27.30 2.66 -2.61
N LYS B 457 -26.93 3.56 -3.50
CA LYS B 457 -26.16 4.71 -3.04
C LYS B 457 -27.06 5.82 -2.49
N LYS B 458 -28.36 5.79 -2.66
CA LYS B 458 -29.21 6.75 -2.11
C LYS B 458 -29.12 6.70 -0.59
N ASN B 459 -29.43 7.84 0.03
N ASN B 459 -29.31 7.83 0.07
CA ASN B 459 -29.26 7.99 1.48
CA ASN B 459 -29.14 7.87 1.52
C ASN B 459 -30.25 7.19 2.27
C ASN B 459 -30.24 7.17 2.31
N THR B 460 -31.37 6.89 1.69
CA THR B 460 -32.41 6.15 2.30
C THR B 460 -32.30 4.57 2.11
N PHE B 461 -31.26 4.13 1.42
CA PHE B 461 -30.85 2.73 1.54
C PHE B 461 -29.85 2.58 2.61
N PRO B 462 -30.03 1.61 3.57
CA PRO B 462 -31.11 0.61 3.63
C PRO B 462 -32.24 0.97 4.52
N THR B 463 -32.22 2.20 5.17
CA THR B 463 -33.22 2.43 6.22
C THR B 463 -34.67 2.65 5.82
N ASN B 464 -34.99 2.78 4.51
CA ASN B 464 -36.36 2.64 4.12
C ASN B 464 -36.90 1.24 4.30
N TRP B 465 -36.02 0.24 4.44
CA TRP B 465 -36.49 -1.13 4.57
C TRP B 465 -36.05 -1.87 5.81
N ILE B 466 -35.13 -1.28 6.64
CA ILE B 466 -34.71 -1.97 7.85
C ILE B 466 -34.38 -0.84 8.84
N ARG B 467 -35.01 -0.85 10.02
CA ARG B 467 -34.98 0.21 10.98
C ARG B 467 -34.73 -0.34 12.38
N LEU B 468 -33.48 -0.70 12.66
CA LEU B 468 -33.20 -1.39 13.91
C LEU B 468 -33.39 -0.46 15.10
N ASP B 469 -33.44 0.86 14.89
CA ASP B 469 -33.85 1.81 15.97
C ASP B 469 -35.30 1.63 16.43
N ASN B 470 -36.13 0.92 15.66
CA ASN B 470 -37.48 0.62 16.06
C ASN B 470 -37.55 -0.56 17.01
N ILE B 471 -36.44 -1.20 17.34
CA ILE B 471 -36.39 -2.12 18.43
C ILE B 471 -36.34 -1.36 19.80
N VAL B 472 -37.47 -1.33 20.49
CA VAL B 472 -37.59 -0.53 21.75
C VAL B 472 -38.04 -1.41 22.89
N GLU B 473 -38.18 -2.72 22.61
CA GLU B 473 -38.39 -3.74 23.64
C GLU B 473 -37.84 -5.05 23.20
N ASP B 474 -37.55 -5.95 24.15
CA ASP B 474 -36.98 -7.21 23.85
C ASP B 474 -38.12 -8.17 23.50
N LYS B 475 -37.87 -9.13 22.62
CA LYS B 475 -38.86 -10.15 22.27
C LYS B 475 -38.12 -11.47 22.24
N LYS B 476 -38.42 -12.32 23.23
CA LYS B 476 -37.64 -13.53 23.45
C LYS B 476 -38.42 -14.82 23.30
N ASP B 477 -39.73 -14.73 23.09
CA ASP B 477 -40.59 -15.93 23.13
C ASP B 477 -40.99 -16.40 21.74
N ILE B 478 -40.37 -15.88 20.68
CA ILE B 478 -40.63 -16.44 19.35
C ILE B 478 -39.69 -17.58 19.02
N ASN B 479 -40.06 -18.80 19.50
CA ASN B 479 -39.24 -19.96 19.41
C ASN B 479 -40.15 -21.12 18.96
N GLY B 480 -39.58 -22.14 18.40
CA GLY B 480 -40.39 -23.21 17.84
C GLY B 480 -39.56 -24.45 17.87
N ALA B 481 -40.03 -25.42 17.12
CA ALA B 481 -39.57 -26.79 17.33
C ALA B 481 -38.07 -26.88 17.14
N ASN B 482 -37.64 -26.32 16.03
CA ASN B 482 -36.25 -26.39 15.67
C ASN B 482 -35.59 -24.95 15.68
N TYR B 483 -36.12 -23.98 16.42
CA TYR B 483 -35.47 -22.67 16.38
C TYR B 483 -35.69 -21.82 17.57
N TYR B 484 -34.75 -20.90 17.73
CA TYR B 484 -34.79 -19.91 18.75
C TYR B 484 -34.57 -18.53 18.11
N SER B 485 -35.17 -17.52 18.68
N SER B 485 -35.24 -17.52 18.62
CA SER B 485 -35.00 -16.17 18.19
CA SER B 485 -35.09 -16.14 18.14
C SER B 485 -34.95 -15.14 19.31
C SER B 485 -34.80 -15.23 19.32
N LEU B 486 -34.22 -14.06 19.06
CA LEU B 486 -34.11 -12.99 20.03
C LEU B 486 -34.12 -11.68 19.24
N VAL B 487 -35.06 -10.84 19.60
CA VAL B 487 -35.02 -9.41 19.21
C VAL B 487 -34.62 -8.63 20.45
N SER B 488 -33.44 -8.02 20.37
CA SER B 488 -32.82 -7.41 21.55
C SER B 488 -32.55 -5.90 21.45
N THR B 489 -32.88 -5.15 22.49
CA THR B 489 -32.52 -3.73 22.60
C THR B 489 -31.03 -3.61 22.92
N GLY B 490 -30.35 -4.72 23.22
CA GLY B 490 -28.89 -4.73 23.17
C GLY B 490 -28.26 -4.23 24.47
N GLN B 491 -29.04 -4.31 25.54
CA GLN B 491 -28.60 -3.99 26.89
C GLN B 491 -28.17 -5.18 27.74
N ASN B 492 -28.56 -6.39 27.35
CA ASN B 492 -28.15 -7.57 28.07
C ASN B 492 -27.29 -8.47 27.17
N SER B 493 -25.97 -8.43 27.36
CA SER B 493 -25.09 -9.26 26.54
C SER B 493 -25.29 -10.75 26.84
N ASN B 494 -25.73 -11.08 28.07
CA ASN B 494 -25.98 -12.50 28.39
C ASN B 494 -27.08 -13.11 27.53
N ASP B 495 -28.11 -12.33 27.22
CA ASP B 495 -29.18 -12.78 26.32
C ASP B 495 -28.65 -13.36 24.99
N ILE B 496 -27.66 -12.67 24.41
CA ILE B 496 -27.03 -13.13 23.23
C ILE B 496 -26.21 -14.41 23.46
N ASN B 497 -25.46 -14.46 24.56
CA ASN B 497 -24.70 -15.67 24.86
C ASN B 497 -25.64 -16.83 25.07
N GLU B 498 -26.75 -16.56 25.69
CA GLU B 498 -27.77 -17.59 26.04
C GLU B 498 -28.40 -18.20 24.77
N ILE B 499 -28.78 -17.35 23.79
CA ILE B 499 -29.25 -17.96 22.55
C ILE B 499 -28.18 -18.75 21.86
N PHE B 500 -26.90 -18.33 21.86
CA PHE B 500 -25.89 -19.10 21.21
C PHE B 500 -25.66 -20.47 21.96
N ASN B 501 -25.91 -20.47 23.25
CA ASN B 501 -25.88 -21.73 24.04
C ASN B 501 -26.91 -22.74 23.56
N LYS B 502 -28.03 -22.28 22.98
CA LYS B 502 -29.01 -23.20 22.40
C LYS B 502 -28.54 -23.93 21.16
N ASN B 503 -27.51 -23.44 20.52
CA ASN B 503 -26.98 -23.98 19.27
C ASN B 503 -25.94 -25.09 19.52
N LYS B 504 -26.29 -26.20 20.19
CA LYS B 504 -25.30 -27.27 20.63
C LYS B 504 -24.99 -28.36 19.60
N ASN B 506 -25.21 -32.08 19.78
CA ASN B 506 -25.05 -33.55 19.55
C ASN B 506 -24.96 -33.88 18.04
N ASN B 507 -26.08 -34.35 17.46
CA ASN B 507 -26.13 -34.81 16.06
C ASN B 507 -26.93 -33.81 15.22
N PRO B 508 -26.88 -34.00 13.87
CA PRO B 508 -27.57 -33.07 12.97
C PRO B 508 -29.07 -33.24 12.95
N HIS B 509 -29.59 -34.13 13.80
CA HIS B 509 -31.01 -34.31 13.91
C HIS B 509 -31.56 -33.31 14.93
N SER B 510 -30.76 -33.03 15.98
CA SER B 510 -31.08 -31.97 16.95
C SER B 510 -30.58 -30.57 16.50
N ASN B 511 -30.45 -30.35 15.18
CA ASN B 511 -29.97 -29.10 14.57
C ASN B 511 -30.99 -27.98 14.67
N VAL B 512 -30.62 -26.93 15.40
CA VAL B 512 -31.50 -25.83 15.56
C VAL B 512 -31.06 -24.65 14.70
N GLN B 513 -32.02 -23.79 14.44
CA GLN B 513 -31.78 -22.48 13.77
C GLN B 513 -31.78 -21.37 14.79
N ILE B 514 -30.97 -20.33 14.50
CA ILE B 514 -30.74 -19.25 15.43
C ILE B 514 -30.94 -17.91 14.66
N PHE B 515 -31.82 -17.07 15.19
CA PHE B 515 -32.19 -15.76 14.59
C PHE B 515 -31.95 -14.70 15.63
N VAL B 516 -30.96 -13.81 15.37
CA VAL B 516 -30.64 -12.74 16.32
C VAL B 516 -30.80 -11.39 15.60
N ILE B 517 -31.65 -10.53 16.15
CA ILE B 517 -31.83 -9.17 15.61
C ILE B 517 -31.61 -8.24 16.79
N THR B 518 -30.58 -7.40 16.74
CA THR B 518 -30.28 -6.58 17.93
C THR B 518 -29.79 -5.15 17.65
N LYS B 519 -30.08 -4.25 18.58
CA LYS B 519 -29.46 -2.91 18.54
C LYS B 519 -28.04 -2.85 18.99
N SER B 520 -27.54 -3.85 19.68
CA SER B 520 -26.11 -4.00 19.94
C SER B 520 -25.32 -4.53 18.79
N GLY B 521 -24.05 -4.77 18.99
CA GLY B 521 -23.32 -5.70 18.18
C GLY B 521 -23.60 -7.17 18.57
N ILE B 522 -22.96 -8.04 17.85
CA ILE B 522 -22.96 -9.43 18.16
C ILE B 522 -21.57 -9.93 18.15
N ASN B 523 -21.15 -10.52 19.28
CA ASN B 523 -19.91 -11.27 19.39
C ASN B 523 -20.24 -12.76 19.39
N VAL B 524 -19.91 -13.42 18.32
CA VAL B 524 -20.28 -14.82 18.18
C VAL B 524 -19.17 -15.67 18.92
N PRO B 525 -19.58 -16.39 19.95
CA PRO B 525 -18.62 -17.16 20.75
C PRO B 525 -17.72 -18.10 19.96
N PRO B 526 -16.48 -18.34 20.45
CA PRO B 526 -15.62 -19.25 19.72
C PRO B 526 -16.05 -20.72 19.81
N ASP B 527 -16.96 -21.09 20.68
CA ASP B 527 -17.36 -22.52 20.65
C ASP B 527 -18.31 -22.86 19.44
N GLN B 528 -18.78 -21.86 18.68
CA GLN B 528 -19.71 -22.15 17.57
C GLN B 528 -18.95 -22.73 16.43
N ASN B 529 -19.49 -23.78 15.84
CA ASN B 529 -18.91 -24.33 14.63
C ASN B 529 -19.85 -24.48 13.42
N HIS B 530 -21.14 -24.39 13.68
CA HIS B 530 -22.11 -24.42 12.62
C HIS B 530 -23.31 -23.64 13.08
N LEU B 531 -23.72 -22.70 12.23
CA LEU B 531 -24.86 -21.86 12.58
C LEU B 531 -25.72 -21.67 11.35
N ASP B 532 -27.01 -21.99 11.52
CA ASP B 532 -28.01 -21.80 10.47
C ASP B 532 -29.01 -20.76 11.02
N GLY B 533 -29.13 -19.66 10.28
CA GLY B 533 -30.03 -18.64 10.64
C GLY B 533 -29.62 -17.27 10.07
N VAL B 534 -29.77 -16.25 10.91
N VAL B 534 -29.88 -16.23 10.86
CA VAL B 534 -29.55 -14.86 10.52
CA VAL B 534 -29.51 -14.83 10.48
C VAL B 534 -28.93 -14.16 11.72
C VAL B 534 -29.01 -14.09 11.69
N LEU B 535 -27.99 -13.26 11.45
CA LEU B 535 -27.45 -12.35 12.49
C LEU B 535 -27.55 -10.94 11.90
N ILE B 536 -28.38 -10.14 12.54
CA ILE B 536 -28.71 -8.76 12.14
C ILE B 536 -28.40 -7.88 13.35
N ALA B 537 -27.45 -6.95 13.18
CA ALA B 537 -27.06 -6.11 14.32
C ALA B 537 -26.81 -4.65 13.90
N ASN B 538 -27.11 -3.76 14.80
CA ASN B 538 -26.81 -2.31 14.58
C ASN B 538 -25.36 -2.03 14.84
N GLY B 539 -24.82 -2.67 15.86
CA GLY B 539 -23.38 -2.74 16.04
C GLY B 539 -22.67 -3.74 15.21
N SER B 540 -21.37 -3.89 15.47
CA SER B 540 -20.53 -4.75 14.64
C SER B 540 -20.81 -6.24 14.90
N LEU B 541 -20.70 -7.05 13.86
N LEU B 541 -20.54 -7.03 13.89
CA LEU B 541 -20.68 -8.51 13.98
CA LEU B 541 -20.69 -8.44 13.94
C LEU B 541 -19.25 -8.86 14.08
C LEU B 541 -19.28 -9.03 13.98
N GLN B 542 -18.91 -9.60 15.12
CA GLN B 542 -17.54 -10.05 15.36
C GLN B 542 -17.54 -11.52 15.69
N PHE B 543 -16.74 -12.30 14.96
CA PHE B 543 -16.62 -13.71 15.14
C PHE B 543 -15.39 -13.97 16.02
N ASN B 544 -15.64 -14.33 17.29
CA ASN B 544 -14.56 -14.48 18.28
C ASN B 544 -13.79 -15.74 18.12
N GLY B 545 -14.28 -16.71 17.36
CA GLY B 545 -13.48 -17.85 17.00
C GLY B 545 -13.60 -18.17 15.54
N GLY B 546 -12.76 -19.11 15.09
CA GLY B 546 -12.68 -19.62 13.73
C GLY B 546 -13.36 -20.96 13.58
N ASN B 547 -13.13 -21.59 12.45
CA ASN B 547 -13.64 -22.90 12.13
C ASN B 547 -15.16 -23.00 12.28
N LEU B 548 -15.83 -22.12 11.56
CA LEU B 548 -17.27 -22.01 11.65
C LEU B 548 -17.87 -21.99 10.25
N ASN B 549 -18.93 -22.79 10.07
CA ASN B 549 -19.75 -22.78 8.87
C ASN B 549 -21.04 -22.07 9.24
N ILE B 550 -21.30 -20.94 8.62
CA ILE B 550 -22.50 -20.13 8.90
C ILE B 550 -23.35 -20.05 7.60
N GLU B 551 -24.64 -20.37 7.70
CA GLU B 551 -25.49 -20.49 6.55
C GLU B 551 -26.80 -19.79 6.76
N TYR B 552 -27.20 -19.03 5.75
CA TYR B 552 -28.49 -18.38 5.81
C TYR B 552 -29.65 -19.36 5.79
N VAL B 553 -30.60 -19.12 6.65
CA VAL B 553 -31.97 -19.67 6.55
C VAL B 553 -32.91 -18.54 6.88
N ARG B 554 -33.97 -18.45 6.04
CA ARG B 554 -35.03 -17.44 6.22
C ARG B 554 -35.63 -17.44 7.59
N MET B 555 -35.80 -16.25 8.18
CA MET B 555 -36.45 -16.11 9.47
C MET B 555 -37.83 -16.80 9.44
N PRO B 556 -38.24 -17.42 10.57
CA PRO B 556 -39.61 -17.94 10.67
C PRO B 556 -40.67 -16.86 10.48
N GLN B 557 -41.77 -17.20 9.81
CA GLN B 557 -42.84 -16.28 9.56
C GLN B 557 -43.31 -15.53 10.78
N PRO B 558 -43.52 -16.17 11.93
CA PRO B 558 -43.92 -15.39 13.10
C PRO B 558 -42.93 -14.29 13.52
N LEU B 559 -41.66 -14.54 13.29
CA LEU B 559 -40.61 -13.56 13.63
C LEU B 559 -40.67 -12.40 12.57
N ILE B 560 -40.80 -12.76 11.30
CA ILE B 560 -40.92 -11.77 10.26
C ILE B 560 -42.10 -10.90 10.57
N ASP B 561 -43.24 -11.55 10.88
CA ASP B 561 -44.42 -10.80 11.17
C ASP B 561 -44.36 -9.85 12.36
N TYR B 562 -43.69 -10.29 13.37
CA TYR B 562 -43.41 -9.48 14.53
C TYR B 562 -42.56 -8.26 14.09
N LEU B 563 -41.47 -8.51 13.38
CA LEU B 563 -40.54 -7.38 12.96
C LEU B 563 -41.34 -6.36 12.13
N LEU B 564 -42.16 -6.85 11.20
CA LEU B 564 -43.07 -6.00 10.44
C LEU B 564 -44.00 -5.12 11.27
N SER B 565 -44.61 -5.74 12.29
CA SER B 565 -45.57 -5.04 13.13
C SER B 565 -44.98 -3.87 13.94
N LYS B 566 -43.69 -3.92 14.23
CA LYS B 566 -42.98 -2.89 14.93
C LYS B 566 -42.23 -1.93 14.00
N ASN B 567 -42.40 -2.10 12.67
CA ASN B 567 -41.73 -1.25 11.69
C ASN B 567 -40.19 -1.44 11.75
N ILE B 568 -39.72 -2.63 12.13
CA ILE B 568 -38.30 -2.91 12.19
C ILE B 568 -37.83 -3.29 10.79
N ILE B 569 -38.72 -3.93 10.03
CA ILE B 569 -38.50 -4.13 8.61
C ILE B 569 -39.70 -3.70 7.81
N LYS B 570 -39.52 -3.47 6.48
CA LYS B 570 -40.61 -3.21 5.59
C LYS B 570 -40.33 -3.93 4.28
N ILE B 571 -41.36 -4.64 3.79
CA ILE B 571 -41.25 -5.41 2.54
C ILE B 571 -42.12 -4.77 1.48
N GLU B 572 -41.53 -4.31 0.39
N GLU B 572 -41.52 -4.41 0.36
CA GLU B 572 -42.28 -3.68 -0.69
CA GLU B 572 -42.16 -3.65 -0.66
C GLU B 572 -41.97 -4.50 -1.91
C GLU B 572 -41.83 -4.34 -1.99
N ASN B 573 -42.69 -4.21 -2.98
CA ASN B 573 -42.36 -4.74 -4.31
C ASN B 573 -41.53 -3.70 -5.06
N VAL B 574 -40.21 -3.65 -4.81
CA VAL B 574 -39.41 -2.61 -5.40
C VAL B 574 -39.03 -3.03 -6.78
N GLN B 575 -39.34 -2.14 -7.71
CA GLN B 575 -39.05 -2.34 -9.11
C GLN B 575 -38.16 -1.22 -9.64
N PRO B 576 -37.51 -1.49 -10.75
CA PRO B 576 -36.58 -0.48 -11.19
C PRO B 576 -37.29 0.85 -11.53
N PRO B 577 -36.64 2.01 -11.33
CA PRO B 577 -37.24 3.26 -11.76
C PRO B 577 -37.45 3.23 -13.26
N VAL B 578 -38.46 3.98 -13.71
CA VAL B 578 -38.80 4.06 -15.14
C VAL B 578 -37.65 4.78 -15.93
#